data_2WJ2
#
_entry.id   2WJ2
#
_cell.length_a   103.440
_cell.length_b   103.440
_cell.length_c   254.130
_cell.angle_alpha   90.00
_cell.angle_beta   90.00
_cell.angle_gamma   120.00
#
_symmetry.space_group_name_H-M   'P 32 2 1'
#
loop_
_entity.id
_entity.type
_entity.pdbx_description
1 polymer 'FATTY ACID AMIDE HYDROLASE 1'
2 non-polymer 7-phenyl-1-(5-pyridin-2-yl-1,3-oxazol-2-yl)heptane-1,1-diol
3 non-polymer 'CHLORIDE ION'
4 water water
#
_entity_poly.entity_id   1
_entity_poly.type   'polypeptide(L)'
_entity_poly.pdbx_seq_one_letter_code
;MGSSHHHHHHSSGLVPRGSHMASRWTGRQKARGAATRARQKQRASLETMDKAVQRFRLQNPDLDSEALLTLPLLQLVQKL
QSGELSPEAVFFTYLGKAWEVNKGTNCVTSYLTDCETQLSQAPRQGLLYGVPVSLKECFSYKGHDSTLGLSLNEGMPSES
DCVVVQVLKLQGAVPFVHTNVPQSMFSYDCSNPLFGQTMNPWKSSKSPGGSSGGEGALIGSGGSPLGLGTDIGGSIRFPS
AFCGICGLKPTGNRLSKSGLKGCVYGQTAVQLSLGPMARDVESLALCLKALLCEHLFTLDPTVPPLPFREEVYRSSRPLR
VGYYETDNYTMPSPAMRRALIETKQRLEAAGHTLIPFLPNNIPYALEVLSTGGLFSDGGRSFLQNFKGDFVDPCLGDLIL
ILRLPSWFKRLLSLLLKPLFPRLAAFLNNMRPRSAEKLWKLQHEIEMYRQSVIAQWKAMNLDVLLTPMLGPALDLNTPGR
ATGAVSYTMLYNCLDFPAGVVPVTTVTAEDDAQMELYKGYFGDIWDIILKKAMKNSVGLPVAVQCVALPWQEELCLRFMR
EVEQLMTPQKQPS
;
_entity_poly.pdbx_strand_id   A,B
#
# COMPACT_ATOMS: atom_id res chain seq x y z
N GLY A 27 -28.19 -25.19 -17.94
CA GLY A 27 -28.23 -24.34 -19.16
C GLY A 27 -26.83 -23.88 -19.52
N ARG A 28 -26.38 -24.17 -20.72
CA ARG A 28 -25.08 -23.65 -21.17
C ARG A 28 -25.19 -22.88 -22.48
N GLN A 29 -26.41 -22.44 -22.76
CA GLN A 29 -26.77 -21.85 -24.03
C GLN A 29 -26.08 -20.53 -24.22
N LYS A 30 -25.95 -19.84 -23.12
CA LYS A 30 -25.23 -18.57 -23.04
C LYS A 30 -23.72 -18.79 -23.14
N ALA A 31 -23.21 -19.79 -22.44
CA ALA A 31 -21.79 -20.12 -22.52
C ALA A 31 -21.39 -20.54 -23.95
N ARG A 32 -22.24 -21.35 -24.60
CA ARG A 32 -22.01 -21.81 -25.98
C ARG A 32 -22.02 -20.66 -26.96
N GLY A 33 -22.98 -19.76 -26.81
CA GLY A 33 -23.06 -18.52 -27.60
C GLY A 33 -21.80 -17.65 -27.50
N ALA A 34 -21.33 -17.44 -26.28
CA ALA A 34 -20.12 -16.68 -26.04
C ALA A 34 -18.88 -17.36 -26.67
N ALA A 35 -18.73 -18.68 -26.48
CA ALA A 35 -17.66 -19.44 -27.15
C ALA A 35 -17.71 -19.29 -28.70
N THR A 36 -18.88 -19.48 -29.31
CA THR A 36 -19.02 -19.34 -30.75
C THR A 36 -18.56 -17.96 -31.24
N ARG A 37 -18.96 -16.91 -30.52
CA ARG A 37 -18.60 -15.54 -30.86
C ARG A 37 -17.12 -15.26 -30.64
N ALA A 38 -16.59 -15.63 -29.48
CA ALA A 38 -15.18 -15.39 -29.20
C ALA A 38 -14.30 -16.07 -30.25
N ARG A 39 -14.64 -17.29 -30.64
CA ARG A 39 -13.90 -18.01 -31.68
C ARG A 39 -14.01 -17.30 -33.04
N GLN A 40 -15.18 -16.73 -33.36
CA GLN A 40 -15.29 -15.94 -34.59
C GLN A 40 -14.33 -14.76 -34.53
N LYS A 41 -14.37 -14.00 -33.44
CA LYS A 41 -13.48 -12.84 -33.29
C LYS A 41 -12.01 -13.22 -33.43
N GLN A 42 -11.59 -14.27 -32.72
CA GLN A 42 -10.19 -14.73 -32.79
C GLN A 42 -9.80 -15.08 -34.22
N ARG A 43 -10.69 -15.81 -34.90
CA ARG A 43 -10.49 -16.21 -36.30
C ARG A 43 -10.36 -14.97 -37.20
N ALA A 44 -11.28 -14.03 -37.01
CA ALA A 44 -11.29 -12.79 -37.80
C ALA A 44 -10.02 -11.99 -37.55
N SER A 45 -9.59 -11.96 -36.28
CA SER A 45 -8.40 -11.23 -35.88
C SER A 45 -7.19 -11.76 -36.62
N LEU A 46 -7.00 -13.06 -36.51
CA LEU A 46 -5.87 -13.71 -37.14
C LEU A 46 -5.93 -13.54 -38.64
N GLU A 47 -7.11 -13.59 -39.22
CA GLU A 47 -7.29 -13.36 -40.66
C GLU A 47 -6.88 -11.93 -41.05
N THR A 48 -7.22 -10.94 -40.22
CA THR A 48 -6.80 -9.56 -40.46
C THR A 48 -5.28 -9.42 -40.37
N MET A 49 -4.68 -10.15 -39.43
CA MET A 49 -3.23 -10.12 -39.27
C MET A 49 -2.54 -10.67 -40.51
N ASP A 50 -3.04 -11.79 -41.02
CA ASP A 50 -2.47 -12.42 -42.19
C ASP A 50 -2.50 -11.45 -43.36
N LYS A 51 -3.67 -10.87 -43.64
CA LYS A 51 -3.81 -9.93 -44.74
C LYS A 51 -2.83 -8.75 -44.62
N ALA A 52 -2.63 -8.25 -43.41
CA ALA A 52 -1.75 -7.11 -43.21
C ALA A 52 -0.29 -7.54 -43.42
N VAL A 53 0.06 -8.73 -42.94
CA VAL A 53 1.41 -9.25 -43.11
C VAL A 53 1.69 -9.47 -44.59
N GLN A 54 0.75 -10.09 -45.31
CA GLN A 54 0.92 -10.42 -46.74
C GLN A 54 1.09 -9.16 -47.59
N ARG A 55 0.26 -8.16 -47.31
CA ARG A 55 0.31 -6.86 -47.97
C ARG A 55 1.66 -6.18 -47.74
N PHE A 56 2.15 -6.21 -46.50
CA PHE A 56 3.44 -5.61 -46.20
C PHE A 56 4.59 -6.33 -46.93
N ARG A 57 4.58 -7.66 -46.86
CA ARG A 57 5.65 -8.46 -47.43
C ARG A 57 5.76 -8.29 -48.95
N LEU A 58 4.63 -8.22 -49.63
CA LEU A 58 4.60 -7.89 -51.05
C LEU A 58 5.38 -6.62 -51.37
N GLN A 59 5.28 -5.61 -50.52
CA GLN A 59 5.94 -4.31 -50.77
C GLN A 59 7.39 -4.25 -50.27
N ASN A 60 7.83 -5.29 -49.55
CA ASN A 60 9.14 -5.28 -48.93
C ASN A 60 9.82 -6.63 -49.09
N PRO A 61 9.92 -7.09 -50.34
CA PRO A 61 10.48 -8.42 -50.62
C PRO A 61 11.89 -8.65 -50.08
N ASP A 62 12.71 -7.60 -49.96
CA ASP A 62 14.11 -7.77 -49.57
C ASP A 62 14.41 -7.37 -48.12
N LEU A 63 13.40 -7.37 -47.26
CA LEU A 63 13.60 -7.12 -45.83
C LEU A 63 14.12 -8.40 -45.14
N ASP A 64 15.27 -8.32 -44.48
CA ASP A 64 15.81 -9.47 -43.74
C ASP A 64 15.07 -9.62 -42.42
N SER A 65 13.95 -10.33 -42.47
CA SER A 65 13.08 -10.46 -41.33
C SER A 65 13.71 -11.28 -40.20
N GLU A 66 14.59 -12.22 -40.51
CA GLU A 66 15.23 -13.00 -39.45
C GLU A 66 16.29 -12.18 -38.72
N ALA A 67 17.02 -11.35 -39.46
CA ALA A 67 17.94 -10.42 -38.81
C ALA A 67 17.18 -9.57 -37.79
N LEU A 68 16.09 -8.98 -38.25
CA LEU A 68 15.24 -8.12 -37.40
C LEU A 68 14.61 -8.86 -36.21
N LEU A 69 14.10 -10.06 -36.44
CA LEU A 69 13.46 -10.83 -35.38
C LEU A 69 14.46 -11.24 -34.29
N THR A 70 15.68 -11.56 -34.69
CA THR A 70 16.67 -12.07 -33.76
C THR A 70 17.43 -10.97 -33.01
N LEU A 71 17.23 -9.71 -33.40
CA LEU A 71 17.77 -8.55 -32.66
C LEU A 71 17.21 -8.53 -31.23
N PRO A 72 18.08 -8.39 -30.21
CA PRO A 72 17.62 -8.08 -28.87
C PRO A 72 16.91 -6.73 -28.78
N LEU A 73 15.97 -6.63 -27.87
CA LEU A 73 15.12 -5.44 -27.77
C LEU A 73 15.92 -4.14 -27.69
N LEU A 74 17.01 -4.12 -26.93
CA LEU A 74 17.80 -2.88 -26.78
C LEU A 74 18.37 -2.39 -28.11
N GLN A 75 18.86 -3.34 -28.90
CA GLN A 75 19.40 -3.06 -30.24
C GLN A 75 18.29 -2.65 -31.21
N LEU A 76 17.17 -3.35 -31.14
CA LEU A 76 15.97 -3.03 -31.92
C LEU A 76 15.50 -1.61 -31.62
N VAL A 77 15.46 -1.27 -30.33
CA VAL A 77 15.06 0.08 -29.89
C VAL A 77 15.98 1.15 -30.44
N GLN A 78 17.28 0.87 -30.44
CA GLN A 78 18.30 1.82 -30.86
C GLN A 78 18.19 2.11 -32.35
N LYS A 79 17.92 1.07 -33.13
CA LYS A 79 17.79 1.17 -34.57
C LYS A 79 16.49 1.84 -34.98
N LEU A 80 15.42 1.58 -34.21
CA LEU A 80 14.17 2.32 -34.38
C LEU A 80 14.43 3.79 -34.13
N GLN A 81 15.21 4.05 -33.09
CA GLN A 81 15.53 5.40 -32.63
C GLN A 81 16.44 6.17 -33.61
N SER A 82 17.44 5.49 -34.17
CA SER A 82 18.32 6.12 -35.15
C SER A 82 17.61 6.35 -36.49
N GLY A 83 16.65 5.50 -36.85
CA GLY A 83 16.00 5.58 -38.14
C GLY A 83 16.43 4.47 -39.06
N GLU A 84 17.36 3.65 -38.60
CA GLU A 84 17.89 2.53 -39.39
C GLU A 84 16.84 1.47 -39.66
N LEU A 85 15.92 1.28 -38.72
CA LEU A 85 14.75 0.45 -38.95
C LEU A 85 13.50 1.31 -38.83
N SER A 86 12.56 1.14 -39.74
CA SER A 86 11.30 1.85 -39.70
C SER A 86 10.37 1.15 -38.70
N PRO A 87 9.45 1.90 -38.08
CA PRO A 87 8.49 1.22 -37.19
C PRO A 87 7.61 0.18 -37.92
N GLU A 88 7.28 0.47 -39.17
CA GLU A 88 6.45 -0.42 -40.02
C GLU A 88 7.17 -1.73 -40.29
N ALA A 89 8.44 -1.64 -40.67
CA ALA A 89 9.27 -2.83 -40.83
C ALA A 89 9.22 -3.69 -39.57
N VAL A 90 9.43 -3.08 -38.41
CA VAL A 90 9.50 -3.81 -37.16
C VAL A 90 8.15 -4.37 -36.81
N PHE A 91 7.12 -3.52 -36.93
CA PHE A 91 5.73 -3.93 -36.60
C PHE A 91 5.25 -5.11 -37.44
N PHE A 92 5.35 -4.99 -38.76
CA PHE A 92 4.80 -6.04 -39.63
C PHE A 92 5.61 -7.32 -39.62
N THR A 93 6.93 -7.21 -39.46
CA THR A 93 7.77 -8.40 -39.34
C THR A 93 7.36 -9.19 -38.10
N TYR A 94 7.17 -8.48 -36.98
CA TYR A 94 6.72 -9.09 -35.74
C TYR A 94 5.28 -9.61 -35.79
N LEU A 95 4.42 -8.90 -36.50
CA LEU A 95 3.05 -9.35 -36.67
C LEU A 95 3.07 -10.70 -37.42
N GLY A 96 3.89 -10.78 -38.46
CA GLY A 96 4.04 -12.00 -39.22
C GLY A 96 4.52 -13.19 -38.40
N LYS A 97 5.46 -12.94 -37.49
CA LYS A 97 5.99 -14.00 -36.65
C LYS A 97 4.96 -14.42 -35.62
N ALA A 98 4.26 -13.46 -35.03
CA ALA A 98 3.18 -13.76 -34.08
C ALA A 98 2.15 -14.72 -34.69
N TRP A 99 1.66 -14.37 -35.87
CA TRP A 99 0.68 -15.18 -36.58
C TRP A 99 1.19 -16.60 -36.85
N GLU A 100 2.48 -16.71 -37.21
CA GLU A 100 3.10 -18.01 -37.49
C GLU A 100 3.15 -18.89 -36.24
N VAL A 101 3.70 -18.37 -35.15
CA VAL A 101 3.86 -19.14 -33.93
C VAL A 101 2.52 -19.46 -33.26
N ASN A 102 1.52 -18.59 -33.46
CA ASN A 102 0.18 -18.88 -32.94
C ASN A 102 -0.35 -20.21 -33.48
N LYS A 103 0.01 -20.54 -34.71
CA LYS A 103 -0.49 -21.76 -35.35
C LYS A 103 -0.26 -23.01 -34.54
N GLY A 104 0.87 -23.08 -33.83
CA GLY A 104 1.22 -24.25 -33.02
C GLY A 104 1.10 -23.99 -31.51
N THR A 105 0.72 -22.77 -31.13
CA THR A 105 0.57 -22.45 -29.71
C THR A 105 -0.81 -22.00 -29.25
N ASN A 106 -1.61 -21.40 -30.14
CA ASN A 106 -2.92 -20.83 -29.77
C ASN A 106 -2.72 -19.91 -28.58
N CYS A 107 -1.77 -18.99 -28.73
CA CYS A 107 -1.52 -17.98 -27.71
C CYS A 107 -2.21 -16.62 -27.98
N VAL A 108 -2.65 -16.34 -29.19
CA VAL A 108 -3.27 -15.03 -29.51
C VAL A 108 -4.78 -15.11 -29.50
N THR A 109 -5.43 -14.26 -28.72
CA THR A 109 -6.89 -14.21 -28.71
C THR A 109 -7.48 -13.05 -29.55
N SER A 110 -6.68 -12.01 -29.80
CA SER A 110 -7.21 -10.83 -30.46
C SER A 110 -6.10 -9.98 -31.04
N TYR A 111 -6.38 -9.33 -32.19
CA TYR A 111 -5.47 -8.38 -32.80
C TYR A 111 -6.00 -7.02 -32.41
N LEU A 112 -5.20 -6.22 -31.71
CA LEU A 112 -5.66 -4.93 -31.19
C LEU A 112 -5.79 -3.94 -32.33
N THR A 113 -7.02 -3.63 -32.70
CA THR A 113 -7.35 -3.25 -34.07
C THR A 113 -6.90 -1.82 -34.47
N ASP A 114 -6.88 -0.93 -33.47
CA ASP A 114 -6.35 0.44 -33.60
C ASP A 114 -4.85 0.49 -33.99
N CYS A 115 -4.13 -0.58 -33.71
CA CYS A 115 -2.70 -0.47 -33.47
C CYS A 115 -1.83 0.00 -34.64
N GLU A 116 -2.35 -0.05 -35.86
CA GLU A 116 -1.63 0.50 -37.03
C GLU A 116 -1.68 2.01 -37.08
N THR A 117 -2.80 2.57 -36.63
CA THR A 117 -2.96 4.02 -36.55
C THR A 117 -2.04 4.55 -35.46
N GLN A 118 -2.01 3.85 -34.31
CA GLN A 118 -1.07 4.18 -33.21
C GLN A 118 0.37 4.12 -33.73
N LEU A 119 0.68 3.10 -34.53
CA LEU A 119 1.99 2.99 -35.18
C LEU A 119 2.40 4.32 -35.78
N SER A 120 1.51 4.85 -36.61
CA SER A 120 1.79 6.07 -37.37
C SER A 120 1.96 7.32 -36.51
N GLN A 121 1.42 7.28 -35.29
CA GLN A 121 1.42 8.41 -34.37
C GLN A 121 2.24 8.20 -33.09
N ALA A 122 3.03 7.11 -33.06
CA ALA A 122 3.87 6.79 -31.88
C ALA A 122 4.90 7.91 -31.58
N PRO A 123 4.88 8.48 -30.35
CA PRO A 123 5.82 9.57 -30.01
C PRO A 123 7.33 9.24 -30.16
N ARG A 124 8.00 10.00 -31.04
CA ARG A 124 9.37 9.70 -31.54
C ARG A 124 10.44 9.65 -30.46
N GLN A 125 10.29 10.52 -29.46
CA GLN A 125 11.20 10.59 -28.33
C GLN A 125 10.84 9.58 -27.25
N GLY A 126 9.87 8.70 -27.49
CA GLY A 126 9.45 7.72 -26.50
C GLY A 126 10.50 6.65 -26.27
N LEU A 127 10.69 6.27 -25.02
CA LEU A 127 11.67 5.22 -24.64
C LEU A 127 11.43 3.84 -25.31
N LEU A 128 10.20 3.56 -25.73
CA LEU A 128 9.87 2.31 -26.41
C LEU A 128 9.36 2.57 -27.85
N TYR A 129 9.84 3.66 -28.44
CA TYR A 129 9.42 4.06 -29.78
C TYR A 129 9.56 2.93 -30.81
N GLY A 130 8.42 2.53 -31.36
CA GLY A 130 8.34 1.54 -32.42
C GLY A 130 8.35 0.10 -31.95
N VAL A 131 8.32 -0.13 -30.64
CA VAL A 131 8.40 -1.50 -30.11
C VAL A 131 7.00 -2.11 -30.02
N PRO A 132 6.75 -3.20 -30.78
CA PRO A 132 5.51 -3.96 -30.59
C PRO A 132 5.52 -4.66 -29.24
N VAL A 133 4.40 -4.58 -28.53
CA VAL A 133 4.26 -5.16 -27.20
C VAL A 133 2.99 -6.02 -27.12
N SER A 134 3.13 -7.25 -26.64
CA SER A 134 1.98 -8.14 -26.46
C SER A 134 1.36 -7.92 -25.07
N LEU A 135 0.04 -8.03 -24.96
CA LEU A 135 -0.63 -7.82 -23.68
C LEU A 135 -1.41 -9.03 -23.19
N LYS A 136 -1.15 -9.49 -21.99
CA LYS A 136 -2.05 -10.45 -21.37
C LYS A 136 -3.50 -9.90 -21.49
N GLU A 137 -4.45 -10.77 -21.80
CA GLU A 137 -5.80 -10.34 -22.16
C GLU A 137 -6.51 -9.47 -21.12
N CYS A 138 -6.08 -9.50 -19.87
CA CYS A 138 -6.72 -8.69 -18.82
C CYS A 138 -6.28 -7.21 -18.79
N PHE A 139 -5.31 -6.86 -19.62
CA PHE A 139 -4.92 -5.47 -19.75
C PHE A 139 -5.91 -4.78 -20.67
N SER A 140 -6.89 -4.11 -20.08
CA SER A 140 -7.96 -3.46 -20.86
C SER A 140 -7.45 -2.60 -22.01
N TYR A 141 -8.12 -2.77 -23.16
CA TYR A 141 -7.77 -2.08 -24.38
C TYR A 141 -9.07 -1.67 -25.04
N LYS A 142 -9.21 -0.39 -25.33
CA LYS A 142 -10.45 0.19 -25.86
C LYS A 142 -11.03 -0.62 -27.03
N GLY A 143 -12.28 -1.02 -26.90
CA GLY A 143 -13.02 -1.69 -27.96
C GLY A 143 -12.89 -3.19 -27.98
N HIS A 144 -12.15 -3.76 -27.04
CA HIS A 144 -11.95 -5.19 -26.96
C HIS A 144 -12.45 -5.75 -25.64
N ASP A 145 -13.01 -6.96 -25.70
CA ASP A 145 -13.30 -7.73 -24.49
C ASP A 145 -12.00 -8.03 -23.72
N SER A 146 -12.10 -8.09 -22.40
CA SER A 146 -11.12 -8.81 -21.59
C SER A 146 -11.91 -9.92 -20.91
N THR A 147 -12.06 -11.04 -21.63
CA THR A 147 -12.95 -12.11 -21.21
C THR A 147 -12.43 -12.86 -20.01
N LEU A 148 -11.12 -13.04 -19.92
CA LEU A 148 -10.50 -13.99 -19.00
C LEU A 148 -11.00 -15.42 -19.20
N GLY A 149 -11.50 -15.72 -20.40
CA GLY A 149 -12.08 -17.01 -20.68
C GLY A 149 -13.43 -17.27 -20.06
N LEU A 150 -14.08 -16.24 -19.53
CA LEU A 150 -15.39 -16.40 -18.88
C LEU A 150 -16.51 -15.89 -19.76
N SER A 151 -17.58 -16.68 -19.85
CA SER A 151 -18.76 -16.35 -20.64
C SER A 151 -19.27 -14.96 -20.32
N LEU A 152 -19.33 -14.63 -19.02
CA LEU A 152 -20.01 -13.42 -18.56
C LEU A 152 -19.32 -12.11 -18.98
N ASN A 153 -18.07 -12.20 -19.44
CA ASN A 153 -17.32 -11.05 -19.91
C ASN A 153 -17.26 -10.93 -21.41
N GLU A 154 -17.85 -11.89 -22.11
CA GLU A 154 -17.83 -11.87 -23.56
C GLU A 154 -18.79 -10.80 -24.02
N GLY A 155 -18.44 -10.12 -25.11
CA GLY A 155 -19.30 -9.06 -25.65
C GLY A 155 -19.52 -7.90 -24.70
N MET A 156 -18.57 -7.68 -23.79
CA MET A 156 -18.53 -6.49 -22.90
C MET A 156 -17.21 -5.77 -23.17
N PRO A 157 -17.12 -5.02 -24.29
CA PRO A 157 -15.82 -4.47 -24.71
C PRO A 157 -15.37 -3.38 -23.77
N SER A 158 -14.07 -3.27 -23.55
CA SER A 158 -13.53 -2.30 -22.63
C SER A 158 -13.71 -0.90 -23.22
N GLU A 159 -13.98 0.09 -22.38
CA GLU A 159 -14.30 1.44 -22.83
C GLU A 159 -13.12 2.37 -22.94
N SER A 160 -11.99 1.95 -22.41
CA SER A 160 -10.78 2.71 -22.53
C SER A 160 -9.58 1.83 -22.25
N ASP A 161 -8.41 2.33 -22.57
CA ASP A 161 -7.18 1.65 -22.27
C ASP A 161 -6.92 1.79 -20.79
N CYS A 162 -6.48 0.70 -20.17
CA CYS A 162 -5.95 0.77 -18.81
C CYS A 162 -4.70 1.66 -18.76
N VAL A 163 -4.31 2.04 -17.55
CA VAL A 163 -3.25 3.03 -17.37
C VAL A 163 -1.93 2.57 -17.98
N VAL A 164 -1.50 1.34 -17.73
CA VAL A 164 -0.18 0.93 -18.23
C VAL A 164 -0.18 0.87 -19.75
N VAL A 165 -1.30 0.49 -20.36
CA VAL A 165 -1.41 0.57 -21.82
C VAL A 165 -1.24 2.01 -22.30
N GLN A 166 -1.82 2.97 -21.60
CA GLN A 166 -1.68 4.38 -21.97
C GLN A 166 -0.22 4.80 -21.88
N VAL A 167 0.44 4.43 -20.79
CA VAL A 167 1.84 4.76 -20.59
C VAL A 167 2.67 4.16 -21.73
N LEU A 168 2.52 2.86 -21.97
CA LEU A 168 3.24 2.19 -23.08
C LEU A 168 3.13 3.00 -24.35
N LYS A 169 1.89 3.33 -24.72
CA LYS A 169 1.62 4.14 -25.90
C LYS A 169 2.27 5.53 -25.85
N LEU A 170 2.27 6.17 -24.67
CA LEU A 170 2.91 7.48 -24.53
C LEU A 170 4.43 7.36 -24.62
N GLN A 171 4.97 6.20 -24.25
CA GLN A 171 6.39 5.91 -24.49
C GLN A 171 6.69 5.33 -25.89
N GLY A 172 5.76 5.47 -26.81
CA GLY A 172 5.99 5.10 -28.21
C GLY A 172 5.87 3.63 -28.59
N ALA A 173 5.52 2.79 -27.62
CA ALA A 173 5.24 1.39 -27.86
C ALA A 173 3.96 1.19 -28.71
N VAL A 174 3.85 0.02 -29.33
CA VAL A 174 2.69 -0.33 -30.15
C VAL A 174 2.10 -1.71 -29.70
N PRO A 175 1.20 -1.68 -28.68
CA PRO A 175 0.52 -2.89 -28.24
C PRO A 175 -0.29 -3.45 -29.40
N PHE A 176 -0.20 -4.76 -29.66
CA PHE A 176 -0.72 -5.34 -30.91
C PHE A 176 -1.54 -6.63 -30.79
N VAL A 177 -1.37 -7.38 -29.71
CA VAL A 177 -2.18 -8.58 -29.48
C VAL A 177 -2.56 -8.71 -28.03
N HIS A 178 -3.78 -9.19 -27.77
CA HIS A 178 -4.15 -9.80 -26.48
C HIS A 178 -3.80 -11.27 -26.53
N THR A 179 -3.13 -11.74 -25.51
CA THR A 179 -2.72 -13.14 -25.43
C THR A 179 -3.52 -13.94 -24.37
N ASN A 180 -3.60 -15.25 -24.60
CA ASN A 180 -4.53 -16.15 -23.91
C ASN A 180 -4.17 -16.38 -22.42
N VAL A 181 -5.18 -16.78 -21.65
CA VAL A 181 -5.05 -17.02 -20.21
C VAL A 181 -6.03 -18.15 -19.82
N PRO A 182 -5.72 -18.88 -18.74
CA PRO A 182 -6.67 -19.88 -18.26
C PRO A 182 -7.96 -19.20 -17.80
N GLN A 183 -9.06 -19.93 -17.85
CA GLN A 183 -10.36 -19.42 -17.41
C GLN A 183 -10.26 -18.81 -16.02
N SER A 184 -10.53 -17.52 -15.94
CA SER A 184 -10.55 -16.71 -14.68
C SER A 184 -9.18 -16.20 -14.25
N MET A 185 -8.12 -16.68 -14.90
CA MET A 185 -6.72 -16.40 -14.56
C MET A 185 -6.23 -17.10 -13.28
N PHE A 186 -7.10 -17.77 -12.53
CA PHE A 186 -6.64 -18.33 -11.28
C PHE A 186 -6.17 -19.79 -11.48
N SER A 187 -4.99 -19.90 -12.10
CA SER A 187 -4.47 -21.16 -12.59
C SER A 187 -3.07 -20.95 -13.18
N TYR A 188 -2.20 -21.93 -13.03
CA TYR A 188 -0.92 -21.86 -13.71
C TYR A 188 -0.79 -22.77 -14.92
N ASP A 189 -1.96 -23.16 -15.48
CA ASP A 189 -2.06 -23.64 -16.84
C ASP A 189 -2.64 -22.53 -17.75
N CYS A 190 -3.07 -22.85 -18.97
CA CYS A 190 -3.50 -21.82 -19.88
C CYS A 190 -4.56 -22.26 -20.90
N SER A 191 -5.70 -22.72 -20.39
CA SER A 191 -6.84 -23.05 -21.23
C SER A 191 -8.16 -22.42 -20.74
N ASN A 192 -9.06 -22.10 -21.65
CA ASN A 192 -10.42 -21.69 -21.28
C ASN A 192 -11.42 -22.11 -22.37
N PRO A 193 -12.72 -22.20 -22.03
CA PRO A 193 -13.78 -22.62 -22.97
C PRO A 193 -14.02 -21.70 -24.17
N LEU A 194 -13.59 -20.44 -24.08
CA LEU A 194 -13.76 -19.53 -25.20
C LEU A 194 -12.67 -19.73 -26.26
N PHE A 195 -11.41 -19.44 -25.95
CA PHE A 195 -10.36 -19.53 -26.97
C PHE A 195 -9.57 -20.83 -26.93
N GLY A 196 -9.86 -21.69 -25.96
CA GLY A 196 -9.23 -23.00 -25.86
C GLY A 196 -7.88 -22.99 -25.18
N GLN A 197 -7.05 -23.97 -25.55
CA GLN A 197 -5.83 -24.30 -24.86
C GLN A 197 -4.57 -23.74 -25.54
N THR A 198 -3.79 -22.99 -24.79
CA THR A 198 -2.48 -22.59 -25.27
C THR A 198 -1.46 -23.68 -24.89
N MET A 199 -0.52 -23.93 -25.79
CA MET A 199 0.44 -25.01 -25.63
C MET A 199 1.84 -24.40 -25.52
N ASN A 200 2.75 -25.14 -24.91
CA ASN A 200 4.16 -24.73 -24.84
C ASN A 200 4.84 -24.80 -26.22
N PRO A 201 5.57 -23.76 -26.60
CA PRO A 201 6.20 -23.81 -27.91
C PRO A 201 7.33 -24.84 -27.99
N TRP A 202 7.86 -25.29 -26.86
CA TRP A 202 8.95 -26.24 -26.92
C TRP A 202 8.45 -27.65 -27.09
N LYS A 203 7.21 -27.90 -26.67
CA LYS A 203 6.65 -29.25 -26.68
C LYS A 203 5.16 -29.14 -26.46
N SER A 204 4.40 -29.47 -27.49
CA SER A 204 2.98 -29.18 -27.55
C SER A 204 2.13 -29.96 -26.55
N SER A 205 2.67 -31.02 -25.98
CA SER A 205 2.01 -31.78 -24.89
C SER A 205 2.20 -31.11 -23.53
N LYS A 206 3.01 -30.04 -23.48
CA LYS A 206 3.34 -29.36 -22.22
C LYS A 206 2.60 -28.04 -22.09
N SER A 207 2.35 -27.67 -20.85
CA SER A 207 1.71 -26.41 -20.55
C SER A 207 2.70 -25.30 -20.79
N PRO A 208 2.23 -24.15 -21.28
CA PRO A 208 3.12 -23.02 -21.37
C PRO A 208 3.25 -22.36 -20.02
N GLY A 209 2.59 -22.93 -19.02
CA GLY A 209 2.42 -22.25 -17.73
C GLY A 209 1.36 -21.16 -17.83
N GLY A 210 1.20 -20.45 -16.71
CA GLY A 210 0.44 -19.22 -16.73
C GLY A 210 0.00 -18.75 -15.38
N SER A 211 -0.71 -17.70 -15.39
CA SER A 211 -1.97 -17.43 -16.02
C SER A 211 -1.56 -16.59 -17.27
N SER A 212 -0.28 -16.15 -17.32
CA SER A 212 0.27 -15.36 -18.44
C SER A 212 0.88 -16.28 -19.48
N GLY A 213 0.14 -17.31 -19.85
CA GLY A 213 0.66 -18.37 -20.70
C GLY A 213 0.76 -17.96 -22.13
N GLY A 214 -0.25 -17.25 -22.62
CA GLY A 214 -0.16 -16.67 -23.95
C GLY A 214 1.13 -15.89 -24.15
N GLU A 215 1.45 -14.98 -23.25
CA GLU A 215 2.68 -14.25 -23.32
C GLU A 215 3.90 -15.14 -23.31
N GLY A 216 3.92 -16.10 -22.42
CA GLY A 216 5.06 -17.00 -22.33
C GLY A 216 5.30 -17.74 -23.64
N ALA A 217 4.21 -18.19 -24.26
CA ALA A 217 4.28 -18.95 -25.48
C ALA A 217 4.69 -18.04 -26.62
N LEU A 218 4.11 -16.84 -26.67
CA LEU A 218 4.40 -15.89 -27.77
C LEU A 218 5.85 -15.37 -27.75
N ILE A 219 6.26 -14.84 -26.61
CA ILE A 219 7.59 -14.27 -26.44
C ILE A 219 8.62 -15.40 -26.55
N GLY A 220 8.25 -16.55 -26.01
CA GLY A 220 9.12 -17.71 -26.00
C GLY A 220 9.41 -18.30 -27.35
N SER A 221 8.55 -18.09 -28.34
CA SER A 221 8.82 -18.60 -29.69
C SER A 221 9.28 -17.50 -30.65
N GLY A 222 9.50 -16.29 -30.14
CA GLY A 222 10.01 -15.18 -30.96
C GLY A 222 8.98 -14.20 -31.49
N GLY A 223 7.72 -14.34 -31.07
CA GLY A 223 6.62 -13.60 -31.70
C GLY A 223 6.31 -12.23 -31.11
N SER A 224 7.08 -11.86 -30.08
CA SER A 224 6.95 -10.58 -29.40
C SER A 224 8.19 -10.30 -28.58
N PRO A 225 8.77 -9.09 -28.71
CA PRO A 225 9.99 -8.79 -27.99
C PRO A 225 9.77 -8.33 -26.54
N LEU A 226 8.52 -8.05 -26.17
CA LEU A 226 8.25 -7.53 -24.82
C LEU A 226 6.78 -7.67 -24.55
N GLY A 227 6.41 -8.07 -23.33
CA GLY A 227 5.00 -8.20 -22.97
C GLY A 227 4.79 -7.93 -21.50
N LEU A 228 3.55 -7.65 -21.13
CA LEU A 228 3.19 -7.46 -19.72
C LEU A 228 2.27 -8.59 -19.32
N GLY A 229 2.50 -9.12 -18.12
CA GLY A 229 1.62 -10.11 -17.51
C GLY A 229 1.22 -9.66 -16.11
N THR A 230 0.48 -10.51 -15.40
CA THR A 230 0.14 -10.27 -14.01
C THR A 230 0.41 -11.55 -13.21
N ASP A 231 0.40 -11.44 -11.89
CA ASP A 231 0.95 -12.48 -11.01
C ASP A 231 0.40 -12.27 -9.61
N ILE A 232 -0.37 -13.23 -9.13
CA ILE A 232 -0.87 -13.23 -7.75
C ILE A 232 -0.36 -14.46 -6.97
N GLY A 233 -0.08 -15.55 -7.69
CA GLY A 233 0.55 -16.74 -7.11
C GLY A 233 1.74 -17.32 -7.86
N GLY A 234 2.18 -16.61 -8.92
CA GLY A 234 3.30 -17.03 -9.80
C GLY A 234 3.05 -16.83 -11.29
N SER A 235 1.97 -16.13 -11.64
CA SER A 235 1.48 -16.08 -13.02
C SER A 235 2.31 -15.33 -14.06
N ILE A 236 3.35 -14.61 -13.63
CA ILE A 236 4.40 -14.10 -14.55
C ILE A 236 5.58 -15.10 -14.59
N ARG A 237 5.81 -15.74 -13.46
CA ARG A 237 7.01 -16.51 -13.29
C ARG A 237 6.88 -17.94 -13.81
N PHE A 238 5.73 -18.58 -13.60
CA PHE A 238 5.49 -19.91 -14.18
C PHE A 238 5.67 -19.92 -15.72
N PRO A 239 4.95 -19.03 -16.44
CA PRO A 239 5.09 -19.09 -17.88
C PRO A 239 6.46 -18.69 -18.36
N SER A 240 7.08 -17.73 -17.71
CA SER A 240 8.46 -17.38 -18.04
C SER A 240 9.37 -18.58 -17.86
N ALA A 241 9.28 -19.22 -16.69
CA ALA A 241 10.11 -20.38 -16.42
C ALA A 241 9.84 -21.53 -17.40
N PHE A 242 8.56 -21.83 -17.62
CA PHE A 242 8.17 -22.95 -18.48
C PHE A 242 8.53 -22.72 -19.94
N CYS A 243 8.51 -21.48 -20.42
CA CYS A 243 8.80 -21.19 -21.84
C CYS A 243 10.21 -20.67 -22.13
N GLY A 244 11.08 -20.65 -21.14
CA GLY A 244 12.47 -20.24 -21.32
C GLY A 244 12.71 -18.75 -21.52
N ILE A 245 11.96 -17.91 -20.83
CA ILE A 245 12.13 -16.47 -20.94
C ILE A 245 12.24 -15.83 -19.56
N CYS A 246 12.34 -14.50 -19.52
CA CYS A 246 12.46 -13.73 -18.29
C CYS A 246 11.17 -13.01 -17.90
N GLY A 247 10.96 -12.91 -16.58
CA GLY A 247 9.81 -12.22 -16.03
C GLY A 247 10.17 -11.62 -14.70
N LEU A 248 9.56 -10.47 -14.40
CA LEU A 248 9.68 -9.82 -13.09
C LEU A 248 8.29 -9.56 -12.56
N LYS A 249 8.05 -10.05 -11.36
CA LYS A 249 6.90 -9.65 -10.55
C LYS A 249 7.42 -8.62 -9.55
N PRO A 250 7.14 -7.33 -9.79
CA PRO A 250 7.51 -6.27 -8.85
C PRO A 250 6.70 -6.33 -7.59
N THR A 251 7.05 -5.50 -6.62
CA THR A 251 6.14 -5.16 -5.53
C THR A 251 4.79 -4.74 -6.13
N GLY A 252 3.71 -5.13 -5.46
CA GLY A 252 2.36 -5.02 -6.03
C GLY A 252 2.01 -3.62 -6.47
N ASN A 253 2.36 -2.66 -5.64
CA ASN A 253 1.99 -1.29 -5.92
C ASN A 253 3.13 -0.48 -6.56
N ARG A 254 4.12 -1.14 -7.17
CA ARG A 254 5.16 -0.41 -7.93
C ARG A 254 4.60 0.10 -9.26
N LEU A 255 3.73 -0.69 -9.88
CA LEU A 255 3.08 -0.32 -11.12
C LEU A 255 1.55 -0.27 -10.94
N SER A 256 0.90 0.59 -11.75
CA SER A 256 -0.53 0.83 -11.67
C SER A 256 -1.39 -0.32 -12.17
N LYS A 257 -2.34 -0.74 -11.33
CA LYS A 257 -3.32 -1.75 -11.70
C LYS A 257 -4.60 -1.12 -12.21
N SER A 258 -4.63 0.20 -12.32
CA SER A 258 -5.85 0.87 -12.70
C SER A 258 -6.27 0.49 -14.12
N GLY A 259 -7.49 0.00 -14.26
CA GLY A 259 -8.03 -0.40 -15.55
C GLY A 259 -7.85 -1.84 -15.88
N LEU A 260 -7.16 -2.60 -15.02
CA LEU A 260 -6.98 -4.03 -15.25
C LEU A 260 -8.30 -4.76 -15.00
N LYS A 261 -8.59 -5.72 -15.86
CA LYS A 261 -9.71 -6.61 -15.68
C LYS A 261 -9.36 -7.71 -14.67
N GLY A 262 -10.26 -7.96 -13.74
CA GLY A 262 -10.10 -9.05 -12.77
C GLY A 262 -11.44 -9.69 -12.52
N CYS A 263 -11.47 -10.73 -11.69
CA CYS A 263 -12.74 -11.39 -11.34
C CYS A 263 -13.07 -11.42 -9.84
N VAL A 264 -12.17 -10.95 -8.98
CA VAL A 264 -12.41 -10.85 -7.54
C VAL A 264 -12.04 -9.43 -7.17
N TYR A 265 -12.92 -8.74 -6.47
CA TYR A 265 -12.73 -7.31 -6.21
C TYR A 265 -12.64 -7.06 -4.72
N GLY A 266 -11.62 -6.33 -4.28
CA GLY A 266 -11.48 -5.97 -2.87
C GLY A 266 -10.76 -6.96 -1.97
N GLN A 267 -10.08 -7.93 -2.57
CA GLN A 267 -9.23 -8.84 -1.84
C GLN A 267 -7.83 -8.23 -1.80
N THR A 268 -7.46 -7.67 -0.65
CA THR A 268 -6.19 -6.88 -0.51
C THR A 268 -5.09 -7.57 0.34
N ALA A 269 -5.42 -8.69 0.97
CA ALA A 269 -4.48 -9.50 1.76
C ALA A 269 -3.28 -9.99 0.95
N VAL A 270 -3.55 -10.55 -0.23
CA VAL A 270 -2.54 -10.98 -1.20
C VAL A 270 -2.76 -10.21 -2.53
N GLN A 271 -1.97 -9.19 -2.75
CA GLN A 271 -2.17 -8.34 -3.89
C GLN A 271 -1.58 -8.85 -5.14
N LEU A 272 -2.31 -8.55 -6.16
CA LEU A 272 -1.90 -8.75 -7.52
C LEU A 272 -0.70 -7.83 -7.85
N SER A 273 0.15 -8.29 -8.75
CA SER A 273 1.21 -7.44 -9.24
C SER A 273 1.26 -7.58 -10.76
N LEU A 274 1.63 -6.50 -11.45
CA LEU A 274 1.80 -6.52 -12.90
C LEU A 274 3.27 -6.26 -13.23
N GLY A 275 3.77 -6.86 -14.30
CA GLY A 275 5.19 -6.77 -14.62
C GLY A 275 5.57 -7.30 -15.98
N PRO A 276 6.78 -6.99 -16.44
CA PRO A 276 7.18 -7.35 -17.78
C PRO A 276 7.70 -8.77 -17.94
N MET A 277 7.57 -9.25 -19.17
CA MET A 277 8.11 -10.51 -19.66
C MET A 277 8.85 -10.23 -20.99
N ALA A 278 9.99 -10.89 -21.18
CA ALA A 278 10.87 -10.59 -22.31
C ALA A 278 11.95 -11.63 -22.42
N ARG A 279 12.78 -11.53 -23.46
CA ARG A 279 13.78 -12.57 -23.72
C ARG A 279 15.06 -12.38 -22.93
N ASP A 280 15.24 -11.22 -22.32
CA ASP A 280 16.40 -10.97 -21.46
C ASP A 280 16.11 -9.96 -20.33
N VAL A 281 17.07 -9.85 -19.41
CA VAL A 281 16.91 -9.00 -18.23
C VAL A 281 16.90 -7.50 -18.55
N GLU A 282 17.77 -7.10 -19.46
CA GLU A 282 17.85 -5.72 -19.91
C GLU A 282 16.49 -5.23 -20.43
N SER A 283 15.74 -6.12 -21.09
CA SER A 283 14.41 -5.79 -21.59
C SER A 283 13.45 -5.47 -20.43
N LEU A 284 13.53 -6.24 -19.36
CA LEU A 284 12.70 -6.00 -18.19
C LEU A 284 13.08 -4.64 -17.60
N ALA A 285 14.38 -4.35 -17.51
CA ALA A 285 14.85 -3.09 -16.93
C ALA A 285 14.32 -1.91 -17.72
N LEU A 286 14.43 -1.99 -19.05
CA LEU A 286 13.99 -0.91 -19.92
C LEU A 286 12.49 -0.72 -19.81
N CYS A 287 11.75 -1.83 -19.80
CA CYS A 287 10.31 -1.76 -19.67
C CYS A 287 9.87 -1.10 -18.34
N LEU A 288 10.56 -1.41 -17.25
CA LEU A 288 10.26 -0.77 -15.95
C LEU A 288 10.64 0.70 -16.01
N LYS A 289 11.81 0.99 -16.59
CA LYS A 289 12.23 2.37 -16.74
C LYS A 289 11.18 3.17 -17.52
N ALA A 290 10.63 2.60 -18.58
CA ALA A 290 9.70 3.34 -19.45
C ALA A 290 8.37 3.55 -18.76
N LEU A 291 7.99 2.58 -17.94
CA LEU A 291 6.72 2.63 -17.22
C LEU A 291 6.77 3.58 -16.03
N LEU A 292 7.91 3.62 -15.33
CA LEU A 292 8.03 4.45 -14.13
C LEU A 292 8.39 5.88 -14.51
N CYS A 293 7.47 6.56 -15.18
CA CYS A 293 7.66 7.93 -15.66
C CYS A 293 6.51 8.77 -15.12
N GLU A 294 6.56 10.08 -15.34
CA GLU A 294 5.50 10.98 -14.85
C GLU A 294 4.12 10.63 -15.38
N HIS A 295 4.03 10.08 -16.60
CA HIS A 295 2.73 9.71 -17.16
C HIS A 295 2.01 8.70 -16.29
N LEU A 296 2.73 7.67 -15.84
CA LEU A 296 2.09 6.68 -14.98
C LEU A 296 1.72 7.31 -13.63
N PHE A 297 2.65 8.06 -13.06
CA PHE A 297 2.44 8.62 -11.75
C PHE A 297 1.29 9.60 -11.67
N THR A 298 1.08 10.39 -12.71
CA THR A 298 -0.01 11.36 -12.69
C THR A 298 -1.33 10.72 -13.15
N LEU A 299 -1.28 9.71 -14.00
CA LEU A 299 -2.49 8.98 -14.40
C LEU A 299 -3.02 8.09 -13.26
N ASP A 300 -2.17 7.59 -12.38
CA ASP A 300 -2.64 6.83 -11.23
C ASP A 300 -1.89 7.25 -9.97
N PRO A 301 -2.34 8.36 -9.36
CA PRO A 301 -1.69 8.86 -8.15
C PRO A 301 -1.60 7.88 -6.99
N THR A 302 -2.29 6.75 -7.05
CA THR A 302 -2.17 5.80 -5.94
C THR A 302 -0.84 5.04 -5.96
N VAL A 303 -0.13 5.07 -7.07
CA VAL A 303 1.15 4.39 -7.16
C VAL A 303 2.23 5.32 -6.67
N PRO A 304 3.08 4.87 -5.74
CA PRO A 304 4.13 5.77 -5.28
C PRO A 304 5.09 6.17 -6.41
N PRO A 305 5.35 7.48 -6.58
CA PRO A 305 6.20 7.93 -7.71
C PRO A 305 7.68 7.66 -7.57
N LEU A 306 8.02 6.38 -7.51
CA LEU A 306 9.38 5.91 -7.35
C LEU A 306 9.96 5.72 -8.75
N PRO A 307 10.90 6.59 -9.16
CA PRO A 307 11.43 6.43 -10.51
C PRO A 307 12.44 5.32 -10.52
N PHE A 308 12.67 4.74 -11.68
CA PHE A 308 13.62 3.65 -11.83
C PHE A 308 15.04 4.12 -11.52
N ARG A 309 15.63 3.53 -10.51
CA ARG A 309 16.95 3.87 -10.06
C ARG A 309 18.05 3.17 -10.86
N GLU A 310 18.54 3.81 -11.90
CA GLU A 310 19.53 3.20 -12.79
C GLU A 310 20.82 2.83 -12.03
N GLU A 311 21.25 3.72 -11.15
CA GLU A 311 22.47 3.55 -10.38
C GLU A 311 22.44 2.20 -9.63
N VAL A 312 21.30 1.84 -9.03
CA VAL A 312 21.15 0.56 -8.36
C VAL A 312 21.13 -0.59 -9.37
N TYR A 313 20.33 -0.45 -10.42
CA TYR A 313 20.31 -1.44 -11.49
C TYR A 313 21.71 -1.73 -12.07
N ARG A 314 22.52 -0.70 -12.35
CA ARG A 314 23.83 -0.89 -13.04
C ARG A 314 25.02 -1.16 -12.10
N SER A 315 24.76 -1.33 -10.80
CA SER A 315 25.79 -1.58 -9.81
C SER A 315 26.42 -2.94 -10.05
N SER A 316 27.72 -3.03 -9.83
CA SER A 316 28.44 -4.30 -9.96
C SER A 316 29.17 -4.66 -8.66
N ARG A 317 28.60 -4.22 -7.53
CA ARG A 317 29.11 -4.59 -6.21
C ARG A 317 28.89 -6.06 -5.91
N PRO A 318 29.83 -6.69 -5.18
CA PRO A 318 29.57 -8.05 -4.70
C PRO A 318 28.32 -8.13 -3.82
N LEU A 319 27.59 -9.24 -3.90
CA LEU A 319 26.28 -9.35 -3.27
C LEU A 319 26.27 -10.42 -2.19
N ARG A 320 25.56 -10.17 -1.10
CA ARG A 320 25.26 -11.24 -0.14
C ARG A 320 23.96 -11.89 -0.63
N VAL A 321 24.11 -13.12 -1.10
CA VAL A 321 23.04 -13.86 -1.74
C VAL A 321 22.63 -15.02 -0.87
N GLY A 322 21.46 -14.90 -0.27
CA GLY A 322 20.83 -16.03 0.39
C GLY A 322 20.39 -17.08 -0.63
N TYR A 323 20.25 -18.33 -0.19
CA TYR A 323 19.85 -19.38 -1.10
C TYR A 323 19.32 -20.63 -0.40
N TYR A 324 18.44 -21.33 -1.11
CA TYR A 324 18.02 -22.65 -0.72
C TYR A 324 17.80 -23.51 -1.96
N GLU A 325 18.06 -24.82 -1.82
CA GLU A 325 17.89 -25.77 -2.91
C GLU A 325 16.49 -26.37 -2.87
N THR A 326 15.78 -26.16 -1.77
CA THR A 326 14.45 -26.70 -1.58
C THR A 326 13.72 -25.92 -0.49
N ASP A 327 12.41 -25.82 -0.64
CA ASP A 327 11.62 -25.12 0.34
C ASP A 327 11.03 -26.11 1.34
N ASN A 328 11.46 -27.37 1.26
CA ASN A 328 10.89 -28.46 2.06
C ASN A 328 9.37 -28.57 1.95
N TYR A 329 8.78 -28.01 0.90
CA TYR A 329 7.33 -28.12 0.68
C TYR A 329 7.07 -28.87 -0.62
N THR A 330 7.56 -28.34 -1.73
CA THR A 330 7.59 -29.05 -2.99
C THR A 330 9.03 -29.53 -3.18
N MET A 331 9.26 -30.85 -3.16
CA MET A 331 10.58 -31.37 -3.55
C MET A 331 10.90 -30.93 -4.97
N PRO A 332 12.11 -30.37 -5.18
CA PRO A 332 12.41 -29.87 -6.50
C PRO A 332 12.75 -31.02 -7.41
N SER A 333 12.46 -30.87 -8.68
CA SER A 333 12.90 -31.85 -9.65
C SER A 333 14.42 -31.85 -9.65
N PRO A 334 15.04 -32.94 -10.12
CA PRO A 334 16.50 -32.93 -10.35
C PRO A 334 16.99 -31.75 -11.21
N ALA A 335 16.30 -31.43 -12.29
CA ALA A 335 16.66 -30.24 -13.08
C ALA A 335 16.62 -28.98 -12.25
N MET A 336 15.61 -28.81 -11.42
CA MET A 336 15.54 -27.60 -10.58
C MET A 336 16.74 -27.50 -9.63
N ARG A 337 17.07 -28.61 -8.99
CA ARG A 337 18.09 -28.60 -7.97
C ARG A 337 19.46 -28.30 -8.57
N ARG A 338 19.74 -28.91 -9.72
CA ARG A 338 21.01 -28.72 -10.39
C ARG A 338 21.11 -27.26 -10.85
N ALA A 339 20.05 -26.74 -11.50
CA ALA A 339 19.96 -25.33 -11.88
C ALA A 339 20.35 -24.43 -10.72
N LEU A 340 19.77 -24.71 -9.55
CA LEU A 340 20.03 -23.92 -8.33
C LEU A 340 21.48 -24.01 -7.87
N ILE A 341 22.03 -25.22 -7.76
CA ILE A 341 23.42 -25.39 -7.30
C ILE A 341 24.44 -24.82 -8.30
N GLU A 342 24.23 -25.03 -9.59
CA GLU A 342 25.15 -24.49 -10.57
C GLU A 342 25.18 -22.97 -10.57
N THR A 343 24.02 -22.34 -10.37
CA THR A 343 23.94 -20.88 -10.25
C THR A 343 24.64 -20.44 -8.97
N LYS A 344 24.35 -21.13 -7.88
CA LYS A 344 25.03 -20.84 -6.63
C LYS A 344 26.53 -20.86 -6.86
N GLN A 345 26.99 -21.91 -7.52
CA GLN A 345 28.42 -22.14 -7.71
C GLN A 345 29.12 -21.09 -8.57
N ARG A 346 28.47 -20.67 -9.66
CA ARG A 346 29.03 -19.62 -10.51
C ARG A 346 29.04 -18.26 -9.78
N LEU A 347 28.03 -18.00 -8.96
CA LEU A 347 28.01 -16.78 -8.15
C LEU A 347 29.19 -16.74 -7.18
N GLU A 348 29.44 -17.85 -6.49
CA GLU A 348 30.61 -17.96 -5.61
C GLU A 348 31.90 -17.78 -6.38
N ALA A 349 31.99 -18.42 -7.54
CA ALA A 349 33.17 -18.30 -8.41
C ALA A 349 33.40 -16.84 -8.80
N ALA A 350 32.30 -16.05 -8.90
CA ALA A 350 32.38 -14.64 -9.31
C ALA A 350 32.59 -13.65 -8.18
N GLY A 351 32.71 -14.12 -6.95
CA GLY A 351 32.99 -13.24 -5.81
C GLY A 351 31.83 -12.92 -4.86
N HIS A 352 30.62 -13.45 -5.12
CA HIS A 352 29.49 -13.22 -4.22
C HIS A 352 29.51 -14.19 -3.05
N THR A 353 28.91 -13.80 -1.94
CA THR A 353 28.80 -14.65 -0.75
C THR A 353 27.44 -15.36 -0.72
N LEU A 354 27.48 -16.68 -0.71
CA LEU A 354 26.28 -17.48 -0.74
C LEU A 354 25.98 -18.00 0.65
N ILE A 355 24.83 -17.60 1.17
CA ILE A 355 24.46 -17.81 2.55
C ILE A 355 23.22 -18.71 2.56
N PRO A 356 23.29 -19.89 3.20
CA PRO A 356 22.05 -20.68 3.35
C PRO A 356 20.98 -19.89 4.13
N PHE A 357 19.77 -19.88 3.60
CA PHE A 357 18.70 -19.08 4.10
C PHE A 357 17.39 -19.66 3.59
N LEU A 358 16.45 -19.90 4.50
CA LEU A 358 15.09 -20.31 4.17
C LEU A 358 14.10 -19.50 4.99
N PRO A 359 13.22 -18.76 4.31
CA PRO A 359 12.16 -18.07 5.06
C PRO A 359 11.46 -19.02 6.03
N ASN A 360 11.23 -18.53 7.26
CA ASN A 360 10.59 -19.33 8.28
C ASN A 360 9.11 -19.58 7.97
N ASN A 361 8.58 -20.67 8.50
CA ASN A 361 7.15 -20.98 8.44
C ASN A 361 6.51 -20.90 7.06
N ILE A 362 7.13 -21.53 6.08
CA ILE A 362 6.56 -21.56 4.74
C ILE A 362 5.18 -22.27 4.70
N PRO A 363 5.03 -23.45 5.34
CA PRO A 363 3.68 -24.07 5.32
C PRO A 363 2.55 -23.12 5.76
N TYR A 364 2.80 -22.38 6.83
CA TYR A 364 1.87 -21.37 7.34
C TYR A 364 1.59 -20.29 6.31
N ALA A 365 2.63 -19.79 5.68
CA ALA A 365 2.45 -18.72 4.69
C ALA A 365 1.61 -19.20 3.50
N LEU A 366 1.78 -20.48 3.14
CA LEU A 366 1.09 -21.03 1.95
C LEU A 366 -0.31 -21.45 2.32
N GLU A 367 -0.41 -22.29 3.33
CA GLU A 367 -1.69 -22.88 3.74
C GLU A 367 -2.63 -21.90 4.46
N VAL A 368 -2.12 -21.16 5.46
CA VAL A 368 -2.95 -20.24 6.25
C VAL A 368 -3.02 -18.83 5.63
N LEU A 369 -1.86 -18.22 5.38
CA LEU A 369 -1.86 -16.82 4.98
C LEU A 369 -2.27 -16.59 3.53
N SER A 370 -1.63 -17.32 2.62
CA SER A 370 -1.89 -17.17 1.17
C SER A 370 -3.23 -17.73 0.77
N THR A 371 -3.49 -18.98 1.10
CA THR A 371 -4.76 -19.61 0.75
C THR A 371 -5.93 -18.87 1.39
N GLY A 372 -5.83 -18.58 2.70
CA GLY A 372 -6.83 -17.82 3.44
C GLY A 372 -7.10 -16.40 2.90
N GLY A 373 -6.04 -15.70 2.56
CA GLY A 373 -6.16 -14.35 2.00
C GLY A 373 -6.83 -14.44 0.65
N LEU A 374 -6.42 -15.42 -0.16
CA LEU A 374 -7.04 -15.59 -1.48
C LEU A 374 -8.48 -16.06 -1.37
N PHE A 375 -8.83 -16.83 -0.34
CA PHE A 375 -10.18 -17.38 -0.30
C PHE A 375 -10.90 -17.15 1.02
N SER A 376 -10.66 -15.97 1.60
CA SER A 376 -11.24 -15.59 2.90
C SER A 376 -12.75 -15.75 2.94
N ASP A 377 -13.41 -15.60 1.79
CA ASP A 377 -14.86 -15.70 1.69
C ASP A 377 -15.32 -17.09 1.31
N GLY A 378 -14.43 -18.08 1.36
CA GLY A 378 -14.79 -19.45 0.99
C GLY A 378 -14.93 -19.72 -0.51
N GLY A 379 -14.60 -18.71 -1.33
CA GLY A 379 -14.63 -18.81 -2.79
C GLY A 379 -15.86 -18.21 -3.42
N ARG A 380 -16.74 -17.67 -2.60
CA ARG A 380 -18.06 -17.28 -3.08
C ARG A 380 -18.04 -16.20 -4.16
N SER A 381 -17.24 -15.15 -3.96
CA SER A 381 -17.06 -14.11 -4.97
C SER A 381 -16.46 -14.65 -6.23
N PHE A 382 -15.50 -15.55 -6.08
CA PHE A 382 -14.81 -16.15 -7.21
C PHE A 382 -15.76 -17.01 -8.02
N LEU A 383 -16.54 -17.83 -7.32
CA LEU A 383 -17.53 -18.70 -7.96
C LEU A 383 -18.64 -17.97 -8.73
N GLN A 384 -18.95 -16.73 -8.35
CA GLN A 384 -19.92 -15.94 -9.11
C GLN A 384 -19.56 -15.93 -10.60
N ASN A 385 -18.27 -15.83 -10.91
CA ASN A 385 -17.79 -15.84 -12.27
C ASN A 385 -18.11 -17.09 -13.08
N PHE A 386 -18.39 -18.21 -12.40
CA PHE A 386 -18.59 -19.48 -13.06
C PHE A 386 -20.06 -19.87 -13.16
N LYS A 387 -20.96 -19.07 -12.61
CA LYS A 387 -22.38 -19.31 -12.76
C LYS A 387 -22.80 -19.34 -14.23
N GLY A 388 -23.35 -20.46 -14.66
CA GLY A 388 -23.82 -20.62 -16.04
C GLY A 388 -22.74 -21.04 -17.02
N ASP A 389 -21.49 -21.11 -16.55
CA ASP A 389 -20.33 -21.30 -17.42
C ASP A 389 -19.83 -22.75 -17.39
N PHE A 390 -19.06 -23.13 -18.39
CA PHE A 390 -18.29 -24.37 -18.35
C PHE A 390 -17.12 -24.15 -17.43
N VAL A 391 -16.62 -25.23 -16.85
CA VAL A 391 -15.43 -25.16 -16.03
C VAL A 391 -14.34 -25.88 -16.81
N ASP A 392 -13.35 -25.12 -17.25
CA ASP A 392 -12.27 -25.69 -18.05
C ASP A 392 -11.59 -26.83 -17.29
N PRO A 393 -11.35 -27.97 -17.98
CA PRO A 393 -10.64 -29.09 -17.37
C PRO A 393 -9.37 -28.70 -16.66
N CYS A 394 -8.68 -27.67 -17.16
CA CYS A 394 -7.38 -27.33 -16.59
C CYS A 394 -7.48 -26.68 -15.20
N LEU A 395 -8.68 -26.36 -14.73
CA LEU A 395 -8.86 -25.88 -13.34
C LEU A 395 -9.02 -27.04 -12.38
N GLY A 396 -9.12 -28.26 -12.89
CA GLY A 396 -9.23 -29.44 -12.03
C GLY A 396 -10.51 -29.36 -11.21
N ASP A 397 -10.39 -29.71 -9.93
CA ASP A 397 -11.50 -29.71 -8.99
C ASP A 397 -11.66 -28.43 -8.17
N LEU A 398 -10.87 -27.40 -8.49
CA LEU A 398 -10.90 -26.17 -7.73
C LEU A 398 -12.33 -25.68 -7.46
N ILE A 399 -13.15 -25.59 -8.52
CA ILE A 399 -14.54 -25.09 -8.42
C ILE A 399 -15.44 -26.06 -7.63
N LEU A 400 -15.28 -27.37 -7.87
CA LEU A 400 -16.00 -28.37 -7.10
C LEU A 400 -15.70 -28.23 -5.60
N ILE A 401 -14.44 -28.03 -5.25
CA ILE A 401 -14.04 -27.92 -3.84
C ILE A 401 -14.52 -26.61 -3.20
N LEU A 402 -14.37 -25.49 -3.89
CA LEU A 402 -14.90 -24.20 -3.39
C LEU A 402 -16.42 -24.23 -3.13
N ARG A 403 -17.15 -24.86 -4.03
CA ARG A 403 -18.61 -24.98 -3.91
C ARG A 403 -19.04 -25.72 -2.66
N LEU A 404 -18.19 -26.55 -2.09
CA LEU A 404 -18.59 -27.36 -0.95
C LEU A 404 -18.92 -26.47 0.25
N PRO A 405 -20.05 -26.75 0.91
CA PRO A 405 -20.37 -26.03 2.15
C PRO A 405 -19.24 -26.04 3.20
N SER A 406 -19.27 -25.07 4.10
CA SER A 406 -18.15 -24.86 5.00
C SER A 406 -18.01 -26.00 5.98
N TRP A 407 -19.13 -26.49 6.48
CA TRP A 407 -19.07 -27.60 7.42
C TRP A 407 -18.41 -28.82 6.76
N PHE A 408 -18.69 -29.02 5.47
CA PHE A 408 -18.20 -30.20 4.77
C PHE A 408 -16.75 -30.05 4.40
N LYS A 409 -16.33 -28.84 4.05
CA LYS A 409 -14.90 -28.57 3.88
C LYS A 409 -14.18 -28.91 5.18
N ARG A 410 -14.82 -28.55 6.29
CA ARG A 410 -14.24 -28.81 7.59
C ARG A 410 -14.21 -30.26 8.01
N LEU A 411 -15.33 -30.98 7.88
CA LEU A 411 -15.38 -32.43 8.16
C LEU A 411 -14.36 -33.16 7.26
N LEU A 412 -14.39 -32.86 5.95
CA LEU A 412 -13.47 -33.47 5.00
C LEU A 412 -12.02 -33.24 5.47
N SER A 413 -11.75 -32.03 5.96
CA SER A 413 -10.41 -31.65 6.44
C SER A 413 -9.91 -32.44 7.66
N LEU A 414 -10.77 -32.61 8.67
CA LEU A 414 -10.46 -33.45 9.82
C LEU A 414 -10.23 -34.90 9.39
N LEU A 415 -10.99 -35.38 8.41
CA LEU A 415 -10.80 -36.76 7.91
C LEU A 415 -9.45 -36.93 7.22
N LEU A 416 -9.09 -35.98 6.36
CA LEU A 416 -7.81 -36.02 5.64
C LEU A 416 -6.57 -35.71 6.49
N LYS A 417 -6.74 -35.06 7.64
CA LYS A 417 -5.59 -34.51 8.37
C LYS A 417 -4.49 -35.55 8.71
N PRO A 418 -4.87 -36.70 9.28
CA PRO A 418 -3.87 -37.69 9.66
C PRO A 418 -3.11 -38.26 8.47
N LEU A 419 -3.80 -38.45 7.36
CA LEU A 419 -3.21 -39.06 6.18
C LEU A 419 -2.51 -38.03 5.32
N PHE A 420 -3.24 -36.97 4.95
CA PHE A 420 -2.74 -35.98 4.02
C PHE A 420 -2.86 -34.55 4.58
N PRO A 421 -2.00 -34.20 5.54
CA PRO A 421 -2.14 -32.95 6.28
C PRO A 421 -2.15 -31.71 5.39
N ARG A 422 -1.48 -31.79 4.26
CA ARG A 422 -1.38 -30.67 3.32
C ARG A 422 -2.70 -30.40 2.62
N LEU A 423 -3.33 -31.46 2.13
CA LEU A 423 -4.64 -31.36 1.57
C LEU A 423 -5.60 -30.85 2.65
N ALA A 424 -5.54 -31.43 3.85
CA ALA A 424 -6.39 -30.99 4.96
C ALA A 424 -6.25 -29.50 5.21
N ALA A 425 -4.99 -29.00 5.24
CA ALA A 425 -4.72 -27.59 5.55
C ALA A 425 -5.37 -26.67 4.54
N PHE A 426 -5.11 -26.88 3.26
CA PHE A 426 -5.72 -26.04 2.20
C PHE A 426 -7.24 -26.03 2.30
N LEU A 427 -7.81 -27.22 2.43
CA LEU A 427 -9.27 -27.34 2.52
C LEU A 427 -9.81 -26.51 3.68
N ASN A 428 -9.16 -26.60 4.83
CA ASN A 428 -9.61 -25.85 6.00
C ASN A 428 -9.50 -24.36 5.78
N ASN A 429 -8.46 -23.94 5.11
CA ASN A 429 -8.22 -22.53 4.92
C ASN A 429 -8.96 -21.93 3.73
N MET A 430 -9.77 -22.74 3.06
CA MET A 430 -10.59 -22.30 1.92
C MET A 430 -12.04 -22.05 2.34
N ARG A 431 -12.26 -21.83 3.62
CA ARG A 431 -13.60 -21.66 4.16
C ARG A 431 -13.98 -20.18 4.37
N PRO A 432 -15.27 -19.88 4.39
CA PRO A 432 -15.63 -18.48 4.67
C PRO A 432 -15.43 -18.11 6.13
N ARG A 433 -15.25 -16.83 6.37
CA ARG A 433 -15.08 -16.30 7.71
C ARG A 433 -15.65 -14.89 7.85
N SER A 434 -15.62 -14.37 9.07
CA SER A 434 -16.07 -13.04 9.37
C SER A 434 -15.02 -11.97 9.05
N ALA A 435 -15.50 -10.74 8.90
CA ALA A 435 -14.63 -9.57 8.79
C ALA A 435 -13.65 -9.54 9.93
N GLU A 436 -14.11 -9.92 11.11
CA GLU A 436 -13.25 -10.00 12.28
C GLU A 436 -12.01 -10.91 12.07
N LYS A 437 -12.23 -12.10 11.55
CA LYS A 437 -11.14 -13.04 11.30
C LYS A 437 -10.23 -12.58 10.15
N LEU A 438 -10.79 -11.90 9.15
CA LEU A 438 -9.97 -11.35 8.06
C LEU A 438 -9.01 -10.29 8.62
N TRP A 439 -9.48 -9.46 9.55
CA TRP A 439 -8.59 -8.50 10.21
C TRP A 439 -7.42 -9.23 10.86
N LYS A 440 -7.75 -10.30 11.59
CA LYS A 440 -6.72 -11.11 12.23
C LYS A 440 -5.75 -11.65 11.17
N LEU A 441 -6.28 -12.12 10.04
CA LEU A 441 -5.49 -12.67 8.97
C LEU A 441 -4.59 -11.59 8.34
N GLN A 442 -5.20 -10.44 8.02
CA GLN A 442 -4.44 -9.36 7.39
C GLN A 442 -3.30 -8.97 8.34
N HIS A 443 -3.57 -8.95 9.64
CA HIS A 443 -2.52 -8.63 10.62
C HIS A 443 -1.44 -9.71 10.65
N GLU A 444 -1.84 -10.97 10.57
CA GLU A 444 -0.87 -12.05 10.48
C GLU A 444 0.04 -11.92 9.23
N ILE A 445 -0.54 -11.57 8.07
CA ILE A 445 0.25 -11.36 6.84
C ILE A 445 1.32 -10.26 7.06
N GLU A 446 0.87 -9.18 7.69
CA GLU A 446 1.72 -8.05 7.96
C GLU A 446 2.86 -8.35 8.93
N MET A 447 2.59 -9.09 9.99
CA MET A 447 3.59 -9.62 10.86
CA MET A 447 3.61 -9.58 10.85
C MET A 447 4.55 -10.65 10.27
N TYR A 448 4.04 -11.55 9.43
CA TYR A 448 4.87 -12.57 8.78
C TYR A 448 5.89 -11.86 7.86
N ARG A 449 5.38 -10.88 7.14
CA ARG A 449 6.20 -10.01 6.30
C ARG A 449 7.35 -9.38 7.07
N GLN A 450 7.05 -8.88 8.25
CA GLN A 450 8.09 -8.29 9.10
C GLN A 450 9.01 -9.36 9.72
N SER A 451 8.46 -10.55 9.92
CA SER A 451 9.25 -11.63 10.48
C SER A 451 10.38 -12.03 9.50
N VAL A 452 10.04 -12.18 8.23
CA VAL A 452 10.98 -12.58 7.19
C VAL A 452 11.96 -11.45 6.93
N ILE A 453 11.44 -10.22 6.87
CA ILE A 453 12.31 -9.07 6.76
C ILE A 453 13.36 -9.13 7.89
N ALA A 454 12.94 -9.40 9.13
CA ALA A 454 13.89 -9.43 10.26
C ALA A 454 14.92 -10.57 10.08
N GLN A 455 14.43 -11.73 9.67
CA GLN A 455 15.29 -12.86 9.38
C GLN A 455 16.35 -12.48 8.35
N TRP A 456 15.90 -11.80 7.30
CA TRP A 456 16.71 -11.33 6.18
C TRP A 456 17.76 -10.32 6.61
N LYS A 457 17.35 -9.35 7.40
CA LYS A 457 18.29 -8.39 7.96
C LYS A 457 19.26 -9.05 8.95
N ALA A 458 18.83 -10.06 9.71
CA ALA A 458 19.76 -10.76 10.65
C ALA A 458 20.95 -11.39 9.94
N MET A 459 20.74 -11.87 8.71
CA MET A 459 21.84 -12.43 7.91
C MET A 459 22.43 -11.39 6.97
N ASN A 460 21.90 -10.16 7.02
CA ASN A 460 22.40 -9.07 6.19
C ASN A 460 22.44 -9.42 4.67
N LEU A 461 21.39 -10.05 4.18
CA LEU A 461 21.29 -10.38 2.79
C LEU A 461 21.07 -9.12 1.98
N ASP A 462 21.56 -9.12 0.74
CA ASP A 462 21.14 -8.18 -0.30
C ASP A 462 19.99 -8.76 -1.11
N VAL A 463 20.11 -10.04 -1.45
CA VAL A 463 19.16 -10.73 -2.34
C VAL A 463 19.01 -12.18 -1.94
N LEU A 464 18.07 -12.89 -2.59
CA LEU A 464 17.80 -14.30 -2.31
C LEU A 464 17.61 -15.12 -3.59
N LEU A 465 18.32 -16.24 -3.66
CA LEU A 465 18.27 -17.14 -4.80
C LEU A 465 17.47 -18.36 -4.40
N THR A 466 16.41 -18.66 -5.13
CA THR A 466 15.59 -19.84 -4.83
C THR A 466 15.45 -20.70 -6.08
N PRO A 467 14.99 -21.95 -5.91
CA PRO A 467 14.55 -22.72 -7.08
C PRO A 467 13.28 -22.11 -7.71
N MET A 468 12.99 -22.49 -8.95
CA MET A 468 11.78 -22.09 -9.64
C MET A 468 11.20 -23.32 -10.28
N LEU A 469 9.89 -23.51 -10.12
CA LEU A 469 9.25 -24.75 -10.59
C LEU A 469 9.56 -25.03 -12.04
N GLY A 470 9.99 -26.25 -12.30
CA GLY A 470 9.92 -26.77 -13.63
C GLY A 470 10.89 -27.86 -13.91
N PRO A 471 10.63 -28.58 -15.00
CA PRO A 471 10.44 -28.22 -16.38
C PRO A 471 8.89 -28.17 -16.49
N ALA A 472 8.38 -27.55 -17.55
CA ALA A 472 6.94 -27.46 -17.82
C ALA A 472 6.21 -28.77 -17.54
N LEU A 473 5.10 -28.67 -16.81
CA LEU A 473 4.21 -29.81 -16.59
C LEU A 473 3.39 -30.08 -17.84
N ASP A 474 2.91 -31.32 -17.97
CA ASP A 474 2.01 -31.67 -19.07
C ASP A 474 0.76 -30.80 -19.01
N LEU A 475 0.09 -30.67 -20.16
CA LEU A 475 -1.20 -29.98 -20.20
C LEU A 475 -2.17 -30.60 -19.19
N ASN A 476 -2.98 -29.72 -18.60
CA ASN A 476 -4.04 -30.06 -17.67
C ASN A 476 -3.60 -30.71 -16.39
N THR A 477 -2.33 -30.52 -16.03
CA THR A 477 -1.82 -31.03 -14.76
C THR A 477 -1.53 -29.96 -13.70
N PRO A 478 -1.13 -28.75 -14.10
CA PRO A 478 -1.03 -27.72 -13.03
C PRO A 478 -2.26 -27.66 -12.13
N GLY A 479 -3.44 -27.74 -12.73
CA GLY A 479 -4.67 -27.75 -11.94
C GLY A 479 -4.75 -28.85 -10.90
N ARG A 480 -3.89 -29.87 -10.99
CA ARG A 480 -3.90 -30.98 -10.03
C ARG A 480 -2.62 -31.09 -9.20
N ALA A 481 -1.74 -30.10 -9.33
CA ALA A 481 -0.50 -30.03 -8.61
C ALA A 481 -0.45 -28.67 -7.92
N THR A 482 -1.44 -28.41 -7.07
CA THR A 482 -1.57 -27.06 -6.46
C THR A 482 -0.38 -26.76 -5.55
N GLY A 483 0.10 -27.81 -4.88
CA GLY A 483 1.23 -27.73 -3.99
C GLY A 483 2.46 -27.11 -4.60
N ALA A 484 2.65 -27.26 -5.91
CA ALA A 484 3.86 -26.76 -6.61
C ALA A 484 3.90 -25.22 -6.79
N VAL A 485 2.92 -24.51 -6.28
CA VAL A 485 2.98 -23.04 -6.28
C VAL A 485 3.83 -22.53 -5.12
N SER A 486 4.33 -23.43 -4.27
CA SER A 486 5.06 -23.03 -3.09
C SER A 486 6.21 -22.11 -3.39
N TYR A 487 6.95 -22.41 -4.46
CA TYR A 487 8.17 -21.64 -4.75
C TYR A 487 7.85 -20.19 -5.14
N THR A 488 6.71 -19.96 -5.81
CA THR A 488 6.35 -18.62 -6.26
C THR A 488 5.37 -17.89 -5.34
N MET A 489 4.38 -18.58 -4.82
CA MET A 489 3.34 -17.88 -4.05
C MET A 489 3.85 -17.27 -2.73
N LEU A 490 4.93 -17.83 -2.21
CA LEU A 490 5.53 -17.31 -0.98
C LEU A 490 5.79 -15.81 -1.17
N TYR A 491 6.24 -15.41 -2.35
CA TYR A 491 6.64 -14.02 -2.55
C TYR A 491 5.47 -13.14 -2.95
N ASN A 492 4.34 -13.74 -3.30
CA ASN A 492 3.11 -12.94 -3.39
C ASN A 492 2.64 -12.62 -1.98
N CYS A 493 2.72 -13.60 -1.10
CA CYS A 493 2.32 -13.45 0.27
C CYS A 493 3.20 -12.42 0.97
N LEU A 494 4.51 -12.56 0.82
CA LEU A 494 5.45 -11.58 1.37
C LEU A 494 5.44 -10.26 0.60
N ASP A 495 4.95 -10.30 -0.64
CA ASP A 495 4.96 -9.11 -1.52
C ASP A 495 6.39 -8.53 -1.65
N PHE A 496 7.30 -9.39 -2.06
CA PHE A 496 8.66 -9.01 -2.42
C PHE A 496 8.76 -9.11 -3.94
N PRO A 497 9.59 -8.26 -4.56
CA PRO A 497 9.82 -8.44 -5.97
C PRO A 497 10.53 -9.78 -6.22
N ALA A 498 10.07 -10.52 -7.24
CA ALA A 498 10.66 -11.80 -7.56
C ALA A 498 10.69 -11.98 -9.08
N GLY A 499 11.84 -12.38 -9.63
CA GLY A 499 11.98 -12.55 -11.07
C GLY A 499 12.53 -13.94 -11.36
N VAL A 500 12.43 -14.38 -12.62
CA VAL A 500 12.97 -15.66 -13.01
C VAL A 500 13.84 -15.54 -14.24
N VAL A 501 14.93 -16.31 -14.26
CA VAL A 501 15.89 -16.29 -15.33
C VAL A 501 16.14 -17.74 -15.76
N PRO A 502 16.12 -18.03 -17.08
CA PRO A 502 16.49 -19.38 -17.55
C PRO A 502 17.99 -19.59 -17.40
N VAL A 503 18.38 -20.73 -16.84
CA VAL A 503 19.76 -21.05 -16.55
C VAL A 503 20.26 -22.37 -17.15
N THR A 504 19.36 -23.26 -17.55
CA THR A 504 19.77 -24.57 -18.07
C THR A 504 18.60 -25.24 -18.81
N THR A 505 18.88 -26.35 -19.48
CA THR A 505 17.82 -27.20 -20.02
C THR A 505 17.92 -28.57 -19.38
N VAL A 506 16.80 -29.30 -19.36
CA VAL A 506 16.77 -30.62 -18.74
C VAL A 506 17.59 -31.62 -19.55
N THR A 507 18.48 -32.34 -18.86
CA THR A 507 19.29 -33.41 -19.46
C THR A 507 18.64 -34.78 -19.32
N ALA A 508 19.06 -35.72 -20.15
CA ALA A 508 18.64 -37.13 -20.07
C ALA A 508 18.78 -37.62 -18.65
N GLU A 509 19.89 -37.27 -18.02
CA GLU A 509 20.16 -37.68 -16.67
C GLU A 509 19.19 -37.06 -15.68
N ASP A 510 18.88 -35.77 -15.85
CA ASP A 510 17.86 -35.10 -15.03
C ASP A 510 16.51 -35.80 -15.13
N ASP A 511 16.17 -36.21 -16.35
CA ASP A 511 14.88 -36.78 -16.67
C ASP A 511 14.75 -38.20 -16.13
N ALA A 512 15.84 -38.95 -16.21
CA ALA A 512 15.88 -40.32 -15.70
C ALA A 512 15.67 -40.32 -14.19
N GLN A 513 16.29 -39.35 -13.53
CA GLN A 513 16.17 -39.23 -12.08
C GLN A 513 14.77 -38.83 -11.55
N MET A 514 13.88 -38.26 -12.38
CA MET A 514 12.47 -38.03 -11.96
C MET A 514 11.78 -39.34 -11.56
N GLU A 515 12.19 -40.47 -12.12
CA GLU A 515 11.59 -41.75 -11.76
C GLU A 515 11.88 -42.15 -10.30
N LEU A 516 12.83 -41.48 -9.65
CA LEU A 516 13.09 -41.67 -8.22
C LEU A 516 12.42 -40.60 -7.36
N TYR A 517 11.77 -39.62 -7.99
CA TYR A 517 11.13 -38.53 -7.26
C TYR A 517 9.95 -39.05 -6.44
N LYS A 518 9.93 -38.77 -5.14
CA LYS A 518 8.84 -39.20 -4.24
C LYS A 518 8.00 -38.03 -3.68
N GLY A 519 8.64 -36.89 -3.46
CA GLY A 519 7.96 -35.75 -2.86
C GLY A 519 8.03 -35.87 -1.36
N TYR A 520 7.73 -34.80 -0.62
CA TYR A 520 7.81 -34.83 0.86
C TYR A 520 6.53 -35.32 1.51
N PHE A 521 5.41 -35.33 0.80
CA PHE A 521 4.13 -35.74 1.40
C PHE A 521 3.58 -37.04 0.86
N GLY A 522 3.82 -37.34 -0.42
CA GLY A 522 3.29 -38.57 -1.02
C GLY A 522 1.79 -38.45 -1.29
N ASP A 523 1.24 -37.23 -1.25
CA ASP A 523 -0.18 -37.00 -1.56
C ASP A 523 -0.38 -36.83 -3.06
N ILE A 524 -1.64 -36.77 -3.49
CA ILE A 524 -1.99 -36.76 -4.92
C ILE A 524 -1.27 -35.65 -5.70
N TRP A 525 -0.91 -34.55 -5.04
CA TRP A 525 -0.17 -33.47 -5.68
C TRP A 525 1.29 -33.84 -6.00
N ASP A 526 1.94 -34.58 -5.11
CA ASP A 526 3.30 -35.07 -5.39
C ASP A 526 3.26 -36.13 -6.51
N ILE A 527 2.24 -37.00 -6.46
CA ILE A 527 2.09 -38.07 -7.42
C ILE A 527 1.91 -37.50 -8.81
N ILE A 528 1.04 -36.51 -8.96
CA ILE A 528 0.79 -35.89 -10.29
C ILE A 528 2.02 -35.12 -10.77
N LEU A 529 2.71 -34.42 -9.89
CA LEU A 529 3.90 -33.68 -10.32
C LEU A 529 4.94 -34.64 -10.89
N LYS A 530 5.16 -35.77 -10.23
CA LYS A 530 6.12 -36.74 -10.76
C LYS A 530 5.78 -37.05 -12.22
N LYS A 531 4.54 -37.43 -12.47
CA LYS A 531 4.12 -37.85 -13.81
C LYS A 531 4.12 -36.67 -14.75
N ALA A 532 3.78 -35.49 -14.25
CA ALA A 532 3.58 -34.33 -15.10
C ALA A 532 4.88 -33.75 -15.65
N MET A 533 6.01 -33.93 -14.95
CA MET A 533 7.33 -33.42 -15.38
C MET A 533 8.13 -34.41 -16.22
N LYS A 534 7.56 -35.59 -16.40
CA LYS A 534 8.12 -36.63 -17.24
C LYS A 534 8.26 -36.21 -18.68
N ASN A 535 9.19 -36.85 -19.37
CA ASN A 535 9.51 -36.56 -20.77
C ASN A 535 9.78 -35.10 -21.04
N SER A 536 10.84 -34.58 -20.44
CA SER A 536 11.15 -33.15 -20.50
C SER A 536 12.53 -32.83 -21.03
N VAL A 537 13.25 -33.81 -21.58
CA VAL A 537 14.61 -33.53 -22.07
C VAL A 537 14.56 -32.32 -22.99
N GLY A 538 15.52 -31.41 -22.83
CA GLY A 538 15.62 -30.23 -23.67
C GLY A 538 14.81 -29.02 -23.22
N LEU A 539 13.91 -29.19 -22.27
CA LEU A 539 13.09 -28.08 -21.81
C LEU A 539 13.87 -27.17 -20.85
N PRO A 540 13.56 -25.85 -20.89
CA PRO A 540 14.27 -24.88 -20.07
C PRO A 540 13.90 -24.97 -18.59
N VAL A 541 14.85 -24.58 -17.75
CA VAL A 541 14.72 -24.60 -16.31
C VAL A 541 15.32 -23.32 -15.77
N ALA A 542 14.62 -22.69 -14.83
CA ALA A 542 14.97 -21.36 -14.35
C ALA A 542 15.37 -21.46 -12.88
N VAL A 543 15.99 -20.40 -12.37
CA VAL A 543 16.05 -20.11 -10.95
C VAL A 543 15.27 -18.83 -10.73
N GLN A 544 15.05 -18.49 -9.46
CA GLN A 544 14.25 -17.32 -9.06
C GLN A 544 15.06 -16.36 -8.19
N CYS A 545 14.89 -15.06 -8.45
CA CYS A 545 15.62 -14.02 -7.77
C CYS A 545 14.70 -13.09 -6.98
N VAL A 546 15.03 -12.88 -5.71
CA VAL A 546 14.19 -12.08 -4.86
C VAL A 546 15.02 -10.98 -4.20
N ALA A 547 14.36 -9.83 -4.01
CA ALA A 547 14.86 -8.71 -3.22
C ALA A 547 13.74 -8.27 -2.27
N LEU A 548 14.05 -7.31 -1.40
CA LEU A 548 13.08 -6.76 -0.45
C LEU A 548 12.08 -5.88 -1.17
N PRO A 549 10.98 -5.52 -0.52
CA PRO A 549 10.03 -4.65 -1.15
C PRO A 549 10.66 -3.38 -1.70
N TRP A 550 10.21 -2.99 -2.89
CA TRP A 550 10.63 -1.78 -3.60
C TRP A 550 12.02 -1.85 -4.18
N GLN A 551 12.68 -3.01 -4.06
CA GLN A 551 14.02 -3.18 -4.61
C GLN A 551 13.99 -3.92 -5.95
N GLU A 552 13.13 -3.47 -6.86
CA GLU A 552 13.06 -4.04 -8.22
C GLU A 552 14.38 -3.85 -9.00
N GLU A 553 15.06 -2.72 -8.76
CA GLU A 553 16.33 -2.44 -9.42
C GLU A 553 17.43 -3.41 -8.95
N LEU A 554 17.48 -3.70 -7.65
CA LEU A 554 18.47 -4.63 -7.11
C LEU A 554 18.16 -6.03 -7.61
N CYS A 555 16.87 -6.35 -7.58
CA CYS A 555 16.42 -7.63 -8.05
C CYS A 555 16.86 -7.87 -9.52
N LEU A 556 16.61 -6.89 -10.37
CA LEU A 556 17.04 -6.96 -11.77
C LEU A 556 18.55 -6.99 -11.93
N ARG A 557 19.27 -6.23 -11.09
CA ARG A 557 20.74 -6.30 -11.07
C ARG A 557 21.21 -7.74 -10.79
N PHE A 558 20.55 -8.41 -9.86
CA PHE A 558 20.91 -9.78 -9.50
C PHE A 558 20.54 -10.76 -10.63
N MET A 559 19.35 -10.56 -11.22
CA MET A 559 18.92 -11.33 -12.40
C MET A 559 19.92 -11.18 -13.57
N ARG A 560 20.41 -9.98 -13.78
CA ARG A 560 21.40 -9.72 -14.79
C ARG A 560 22.66 -10.56 -14.55
N GLU A 561 23.09 -10.60 -13.30
CA GLU A 561 24.28 -11.35 -12.93
C GLU A 561 24.11 -12.87 -13.21
N VAL A 562 22.97 -13.44 -12.87
CA VAL A 562 22.71 -14.85 -13.11
C VAL A 562 22.70 -15.09 -14.63
N GLU A 563 21.97 -14.25 -15.35
CA GLU A 563 21.98 -14.29 -16.81
C GLU A 563 23.40 -14.25 -17.38
N GLN A 564 24.27 -13.37 -16.87
CA GLN A 564 25.64 -13.28 -17.39
C GLN A 564 26.46 -14.52 -17.11
N LEU A 565 26.23 -15.15 -15.97
CA LEU A 565 27.04 -16.30 -15.52
C LEU A 565 26.55 -17.64 -16.08
N MET A 566 25.24 -17.78 -16.28
CA MET A 566 24.63 -19.06 -16.66
C MET A 566 24.25 -19.16 -18.15
N THR A 567 23.95 -18.02 -18.77
CA THR A 567 23.77 -17.93 -20.22
C THR A 567 24.73 -16.88 -20.76
N PRO A 568 26.05 -17.22 -20.80
CA PRO A 568 27.06 -16.27 -21.29
C PRO A 568 26.87 -15.93 -22.76
N GLN A 569 26.45 -16.92 -23.56
CA GLN A 569 26.19 -16.71 -24.99
C GLN A 569 24.88 -15.93 -25.29
N LYS A 570 24.17 -15.49 -24.24
CA LYS A 570 23.05 -14.54 -24.42
C LYS A 570 23.62 -13.23 -24.97
N GLN A 571 23.20 -12.89 -26.19
CA GLN A 571 23.77 -11.74 -26.90
C GLN A 571 23.38 -10.37 -26.28
N PRO A 572 24.24 -9.38 -26.48
CA PRO A 572 24.00 -8.03 -25.96
C PRO A 572 22.60 -7.53 -26.30
N GLY B 27 -16.34 -5.82 38.75
CA GLY B 27 -14.93 -5.78 39.23
C GLY B 27 -14.14 -4.68 38.54
N ARG B 28 -13.65 -3.73 39.34
CA ARG B 28 -12.82 -2.63 38.82
C ARG B 28 -11.49 -2.50 39.59
N GLN B 29 -11.16 -3.52 40.37
CA GLN B 29 -9.98 -3.50 41.22
C GLN B 29 -8.73 -3.38 40.34
N LYS B 30 -8.72 -4.16 39.26
CA LYS B 30 -7.61 -4.15 38.33
C LYS B 30 -7.50 -2.76 37.69
N ALA B 31 -8.63 -2.18 37.26
CA ALA B 31 -8.63 -0.85 36.64
C ALA B 31 -8.16 0.25 37.63
N ARG B 32 -8.57 0.11 38.89
CA ARG B 32 -8.14 1.05 39.93
C ARG B 32 -6.66 0.93 40.28
N GLY B 33 -6.16 -0.31 40.35
CA GLY B 33 -4.73 -0.58 40.53
C GLY B 33 -3.89 0.04 39.42
N ALA B 34 -4.28 -0.19 38.18
CA ALA B 34 -3.61 0.38 37.02
C ALA B 34 -3.56 1.92 37.09
N ALA B 35 -4.70 2.54 37.39
CA ALA B 35 -4.77 3.99 37.58
C ALA B 35 -3.82 4.49 38.67
N THR B 36 -3.85 3.84 39.83
CA THR B 36 -2.96 4.23 40.92
C THR B 36 -1.49 4.19 40.50
N ARG B 37 -1.10 3.13 39.80
CA ARG B 37 0.26 2.97 39.35
C ARG B 37 0.64 3.97 38.28
N ALA B 38 -0.22 4.12 37.25
CA ALA B 38 0.04 5.08 36.17
C ALA B 38 0.25 6.48 36.73
N ARG B 39 -0.59 6.88 37.69
CA ARG B 39 -0.46 8.17 38.37
C ARG B 39 0.85 8.29 39.14
N GLN B 40 1.29 7.18 39.74
CA GLN B 40 2.57 7.18 40.46
C GLN B 40 3.71 7.45 39.49
N LYS B 41 3.76 6.69 38.40
CA LYS B 41 4.79 6.86 37.37
C LYS B 41 4.80 8.29 36.75
N GLN B 42 3.65 8.81 36.37
CA GLN B 42 3.53 10.18 35.87
C GLN B 42 4.05 11.21 36.87
N ARG B 43 3.65 11.04 38.15
CA ARG B 43 4.11 11.91 39.24
C ARG B 43 5.64 11.85 39.41
N ALA B 44 6.17 10.63 39.40
CA ALA B 44 7.61 10.38 39.52
C ALA B 44 8.35 10.99 38.34
N SER B 45 7.78 10.83 37.15
CA SER B 45 8.39 11.36 35.95
C SER B 45 8.50 12.86 36.01
N LEU B 46 7.40 13.52 36.39
CA LEU B 46 7.39 14.98 36.50
C LEU B 46 8.35 15.45 37.59
N GLU B 47 8.45 14.67 38.66
CA GLU B 47 9.42 14.97 39.72
C GLU B 47 10.85 14.89 39.20
N THR B 48 11.13 13.90 38.36
CA THR B 48 12.47 13.73 37.78
C THR B 48 12.80 14.90 36.86
N MET B 49 11.79 15.37 36.15
CA MET B 49 11.93 16.49 35.24
C MET B 49 12.27 17.76 36.02
N ASP B 50 11.52 18.00 37.10
CA ASP B 50 11.73 19.16 37.98
C ASP B 50 13.17 19.21 38.51
N LYS B 51 13.63 18.09 39.09
CA LYS B 51 14.99 17.99 39.58
C LYS B 51 16.04 18.30 38.51
N ALA B 52 15.84 17.78 37.31
CA ALA B 52 16.77 17.97 36.20
C ALA B 52 16.79 19.41 35.76
N VAL B 53 15.62 20.03 35.73
CA VAL B 53 15.48 21.41 35.30
C VAL B 53 16.15 22.34 36.32
N GLN B 54 15.91 22.09 37.60
CA GLN B 54 16.48 22.94 38.66
C GLN B 54 18.00 22.83 38.71
N ARG B 55 18.50 21.60 38.58
CA ARG B 55 19.92 21.36 38.58
C ARG B 55 20.58 22.11 37.40
N PHE B 56 19.95 22.05 36.24
CA PHE B 56 20.48 22.74 35.08
C PHE B 56 20.50 24.27 35.25
N ARG B 57 19.38 24.81 35.74
CA ARG B 57 19.23 26.26 35.92
C ARG B 57 20.23 26.85 36.92
N LEU B 58 20.47 26.16 38.03
CA LEU B 58 21.49 26.60 38.95
C LEU B 58 22.87 26.76 38.27
N GLN B 59 23.17 25.92 37.28
CA GLN B 59 24.47 25.99 36.59
C GLN B 59 24.50 26.98 35.42
N ASN B 60 23.36 27.50 35.04
CA ASN B 60 23.26 28.36 33.87
C ASN B 60 22.38 29.55 34.17
N PRO B 61 22.76 30.32 35.19
CA PRO B 61 21.87 31.40 35.63
C PRO B 61 21.64 32.46 34.55
N ASP B 62 22.59 32.63 33.63
CA ASP B 62 22.47 33.68 32.63
C ASP B 62 21.94 33.22 31.28
N LEU B 63 21.36 32.02 31.18
CA LEU B 63 20.84 31.56 29.89
C LEU B 63 19.51 32.28 29.57
N ASP B 64 19.43 32.92 28.41
CA ASP B 64 18.19 33.61 28.00
C ASP B 64 17.21 32.57 27.47
N SER B 65 16.48 31.98 28.40
CA SER B 65 15.55 30.88 28.10
C SER B 65 14.42 31.30 27.18
N GLU B 66 13.90 32.51 27.31
CA GLU B 66 12.78 32.92 26.46
C GLU B 66 13.25 33.15 25.03
N ALA B 67 14.46 33.73 24.87
CA ALA B 67 15.07 33.86 23.55
C ALA B 67 15.11 32.46 22.86
N LEU B 68 15.61 31.47 23.59
CA LEU B 68 15.79 30.11 23.10
C LEU B 68 14.44 29.46 22.82
N LEU B 69 13.50 29.60 23.74
CA LEU B 69 12.15 29.01 23.58
C LEU B 69 11.36 29.62 22.41
N THR B 70 11.56 30.90 22.13
CA THR B 70 10.78 31.56 21.08
C THR B 70 11.41 31.42 19.68
N LEU B 71 12.65 30.95 19.61
CA LEU B 71 13.30 30.65 18.33
C LEU B 71 12.52 29.62 17.52
N PRO B 72 12.24 29.92 16.24
CA PRO B 72 11.66 28.89 15.35
C PRO B 72 12.59 27.70 15.17
N LEU B 73 12.02 26.52 14.97
CA LEU B 73 12.79 25.28 14.92
C LEU B 73 13.93 25.35 13.93
N LEU B 74 13.69 25.96 12.77
CA LEU B 74 14.72 26.06 11.73
C LEU B 74 15.97 26.78 12.24
N GLN B 75 15.76 27.86 12.98
CA GLN B 75 16.83 28.70 13.53
C GLN B 75 17.46 28.02 14.74
N LEU B 76 16.63 27.36 15.54
CA LEU B 76 17.12 26.56 16.66
C LEU B 76 18.08 25.48 16.13
N VAL B 77 17.65 24.79 15.08
CA VAL B 77 18.45 23.73 14.44
C VAL B 77 19.77 24.23 13.92
N GLN B 78 19.75 25.42 13.31
CA GLN B 78 20.96 25.97 12.69
C GLN B 78 21.97 26.37 13.77
N LYS B 79 21.47 26.84 14.91
CA LYS B 79 22.33 27.25 16.02
C LYS B 79 22.84 26.04 16.78
N LEU B 80 22.02 24.98 16.85
CA LEU B 80 22.52 23.70 17.39
C LEU B 80 23.66 23.20 16.48
N GLN B 81 23.45 23.35 15.19
CA GLN B 81 24.38 22.82 14.19
C GLN B 81 25.66 23.64 14.16
N SER B 82 25.58 24.94 14.32
CA SER B 82 26.80 25.77 14.30
C SER B 82 27.60 25.61 15.58
N GLY B 83 26.93 25.28 16.69
CA GLY B 83 27.57 25.22 18.01
C GLY B 83 27.23 26.42 18.88
N GLU B 84 26.48 27.37 18.33
CA GLU B 84 26.10 28.55 19.08
C GLU B 84 25.22 28.20 20.27
N LEU B 85 24.35 27.20 20.13
CA LEU B 85 23.59 26.67 21.26
C LEU B 85 24.04 25.23 21.52
N SER B 86 24.25 24.87 22.78
CA SER B 86 24.57 23.50 23.16
C SER B 86 23.28 22.67 23.21
N PRO B 87 23.36 21.38 22.88
CA PRO B 87 22.17 20.54 23.01
C PRO B 87 21.57 20.56 24.43
N GLU B 88 22.45 20.57 25.44
CA GLU B 88 22.01 20.62 26.85
C GLU B 88 21.18 21.89 27.11
N ALA B 89 21.71 23.05 26.71
CA ALA B 89 20.97 24.30 26.87
C ALA B 89 19.57 24.16 26.26
N VAL B 90 19.49 23.63 25.04
CA VAL B 90 18.20 23.50 24.35
C VAL B 90 17.30 22.49 25.06
N PHE B 91 17.85 21.31 25.37
CA PHE B 91 17.11 20.24 26.03
C PHE B 91 16.49 20.69 27.35
N PHE B 92 17.33 21.18 28.26
CA PHE B 92 16.85 21.49 29.60
C PHE B 92 15.96 22.72 29.65
N THR B 93 16.21 23.69 28.79
CA THR B 93 15.32 24.82 28.68
C THR B 93 13.95 24.33 28.27
N TYR B 94 13.88 23.49 27.23
CA TYR B 94 12.58 22.95 26.77
C TYR B 94 11.95 22.02 27.80
N LEU B 95 12.74 21.24 28.54
CA LEU B 95 12.23 20.37 29.61
C LEU B 95 11.55 21.22 30.69
N GLY B 96 12.19 22.33 31.05
CA GLY B 96 11.60 23.24 32.00
C GLY B 96 10.26 23.79 31.56
N LYS B 97 10.16 24.17 30.29
CA LYS B 97 8.93 24.73 29.78
C LYS B 97 7.83 23.65 29.69
N ALA B 98 8.22 22.44 29.27
CA ALA B 98 7.29 21.33 29.23
C ALA B 98 6.69 21.11 30.63
N TRP B 99 7.55 21.02 31.64
CA TRP B 99 7.08 20.83 33.01
C TRP B 99 6.12 21.94 33.46
N GLU B 100 6.43 23.19 33.11
CA GLU B 100 5.63 24.35 33.52
C GLU B 100 4.22 24.32 32.90
N VAL B 101 4.17 24.10 31.59
CA VAL B 101 2.91 24.10 30.85
C VAL B 101 2.07 22.87 31.18
N ASN B 102 2.72 21.78 31.59
CA ASN B 102 1.97 20.61 32.00
C ASN B 102 1.08 20.88 33.20
N LYS B 103 1.49 21.83 34.03
CA LYS B 103 0.76 22.16 35.25
C LYS B 103 -0.71 22.50 34.98
N GLY B 104 -0.96 23.23 33.89
CA GLY B 104 -2.31 23.66 33.56
C GLY B 104 -2.91 22.88 32.41
N THR B 105 -2.19 21.92 31.87
CA THR B 105 -2.70 21.15 30.74
C THR B 105 -2.80 19.64 30.97
N ASN B 106 -1.94 19.08 31.83
CA ASN B 106 -1.88 17.63 32.07
C ASN B 106 -1.70 16.90 30.73
N CYS B 107 -0.73 17.38 29.96
CA CYS B 107 -0.43 16.82 28.67
C CYS B 107 0.68 15.76 28.71
N VAL B 108 1.50 15.74 29.75
CA VAL B 108 2.62 14.80 29.80
C VAL B 108 2.28 13.58 30.62
N THR B 109 2.46 12.38 30.06
CA THR B 109 2.26 11.13 30.82
C THR B 109 3.56 10.48 31.33
N SER B 110 4.69 10.75 30.69
CA SER B 110 5.92 10.05 31.04
C SER B 110 7.17 10.77 30.53
N TYR B 111 8.22 10.76 31.34
CA TYR B 111 9.51 11.37 30.99
C TYR B 111 10.40 10.26 30.45
N LEU B 112 10.76 10.33 29.17
CA LEU B 112 11.46 9.21 28.54
C LEU B 112 12.88 9.12 29.09
N THR B 113 13.10 8.09 29.87
CA THR B 113 14.08 8.17 30.94
C THR B 113 15.56 8.05 30.44
N ASP B 114 15.77 7.31 29.35
CA ASP B 114 17.04 7.25 28.60
C ASP B 114 17.59 8.60 28.11
N CYS B 115 16.68 9.56 27.91
CA CYS B 115 16.88 10.59 26.89
C CYS B 115 18.05 11.53 27.11
N GLU B 116 18.53 11.64 28.34
CA GLU B 116 19.71 12.46 28.64
C GLU B 116 20.99 11.77 28.17
N THR B 117 21.03 10.44 28.25
CA THR B 117 22.17 9.70 27.73
C THR B 117 22.15 9.80 26.18
N GLN B 118 20.96 9.70 25.56
CA GLN B 118 20.79 9.94 24.10
C GLN B 118 21.29 11.34 23.68
N LEU B 119 20.92 12.34 24.49
CA LEU B 119 21.44 13.70 24.38
C LEU B 119 22.96 13.69 24.11
N SER B 120 23.69 13.04 24.99
CA SER B 120 25.15 13.06 24.94
C SER B 120 25.72 12.32 23.72
N GLN B 121 24.92 11.44 23.10
CA GLN B 121 25.37 10.63 21.93
C GLN B 121 24.64 10.97 20.62
N ALA B 122 23.86 12.04 20.58
CA ALA B 122 23.11 12.44 19.37
C ALA B 122 24.06 12.65 18.19
N PRO B 123 23.88 11.91 17.06
CA PRO B 123 24.76 12.09 15.89
C PRO B 123 24.84 13.53 15.34
N ARG B 124 26.05 14.10 15.32
CA ARG B 124 26.31 15.54 15.07
C ARG B 124 25.83 16.05 13.73
N GLN B 125 25.95 15.21 12.71
CA GLN B 125 25.55 15.59 11.37
C GLN B 125 24.07 15.30 11.10
N GLY B 126 23.31 14.92 12.13
CA GLY B 126 21.91 14.56 11.95
C GLY B 126 21.07 15.79 11.66
N LEU B 127 20.10 15.63 10.76
CA LEU B 127 19.24 16.75 10.34
C LEU B 127 18.42 17.38 11.48
N LEU B 128 18.28 16.65 12.60
CA LEU B 128 17.59 17.13 13.80
C LEU B 128 18.47 17.15 15.07
N TYR B 129 19.78 17.32 14.88
CA TYR B 129 20.74 17.29 15.98
C TYR B 129 20.39 18.27 17.13
N GLY B 130 20.19 17.70 18.32
CA GLY B 130 19.94 18.47 19.53
C GLY B 130 18.51 18.95 19.73
N VAL B 131 17.58 18.45 18.90
CA VAL B 131 16.19 18.89 18.95
C VAL B 131 15.36 17.97 19.86
N PRO B 132 14.84 18.50 20.98
CA PRO B 132 13.90 17.67 21.74
C PRO B 132 12.60 17.48 20.96
N VAL B 133 12.10 16.25 20.96
CA VAL B 133 10.90 15.89 20.24
C VAL B 133 9.93 15.20 21.21
N SER B 134 8.69 15.66 21.25
CA SER B 134 7.66 15.02 22.06
C SER B 134 7.00 13.87 21.26
N LEU B 135 6.56 12.80 21.95
CA LEU B 135 5.90 11.65 21.30
C LEU B 135 4.50 11.35 21.84
N LYS B 136 3.52 11.29 20.94
CA LYS B 136 2.24 10.71 21.31
C LYS B 136 2.52 9.32 21.93
N GLU B 137 1.77 8.99 22.98
CA GLU B 137 2.06 7.84 23.84
C GLU B 137 2.16 6.50 23.15
N CYS B 138 1.53 6.38 21.97
CA CYS B 138 1.52 5.14 21.17
C CYS B 138 2.79 4.91 20.34
N PHE B 139 3.71 5.88 20.32
CA PHE B 139 5.02 5.67 19.69
C PHE B 139 5.89 4.90 20.67
N SER B 140 5.94 3.58 20.49
CA SER B 140 6.67 2.70 21.40
C SER B 140 8.09 3.18 21.71
N TYR B 141 8.44 3.12 22.99
CA TYR B 141 9.74 3.56 23.48
C TYR B 141 10.22 2.55 24.51
N LYS B 142 11.41 2.01 24.30
CA LYS B 142 11.92 0.93 25.13
C LYS B 142 11.85 1.25 26.61
N GLY B 143 11.26 0.33 27.37
CA GLY B 143 11.10 0.48 28.82
C GLY B 143 9.90 1.27 29.29
N HIS B 144 9.07 1.75 28.38
CA HIS B 144 7.90 2.52 28.76
C HIS B 144 6.64 1.88 28.25
N ASP B 145 5.60 1.92 29.06
CA ASP B 145 4.26 1.55 28.65
C ASP B 145 3.77 2.43 27.50
N SER B 146 2.99 1.84 26.59
CA SER B 146 2.15 2.59 25.67
C SER B 146 0.71 2.19 25.98
N THR B 147 0.16 2.78 27.03
CA THR B 147 -1.12 2.35 27.62
C THR B 147 -2.35 2.64 26.75
N LEU B 148 -2.28 3.76 26.04
CA LEU B 148 -3.44 4.32 25.35
C LEU B 148 -4.59 4.58 26.35
N GLY B 149 -4.28 4.74 27.63
CA GLY B 149 -5.31 4.92 28.64
C GLY B 149 -6.08 3.65 29.02
N LEU B 150 -5.65 2.49 28.56
CA LEU B 150 -6.34 1.23 28.82
C LEU B 150 -5.62 0.45 29.91
N SER B 151 -6.39 -0.08 30.85
CA SER B 151 -5.85 -0.82 31.96
C SER B 151 -5.03 -2.00 31.52
N LEU B 152 -5.47 -2.68 30.46
CA LEU B 152 -4.82 -3.92 30.03
C LEU B 152 -3.39 -3.70 29.49
N ASN B 153 -3.05 -2.47 29.11
CA ASN B 153 -1.73 -2.18 28.59
C ASN B 153 -0.80 -1.62 29.66
N GLU B 154 -1.33 -1.44 30.86
CA GLU B 154 -0.55 -0.85 31.96
C GLU B 154 0.43 -1.88 32.49
N GLY B 155 1.64 -1.46 32.85
CA GLY B 155 2.68 -2.38 33.31
C GLY B 155 3.14 -3.38 32.27
N MET B 156 3.04 -3.04 30.99
CA MET B 156 3.54 -3.88 29.92
C MET B 156 4.47 -3.02 29.07
N PRO B 157 5.67 -2.73 29.58
CA PRO B 157 6.54 -1.83 28.90
C PRO B 157 6.95 -2.31 27.52
N SER B 158 7.22 -1.35 26.67
CA SER B 158 7.63 -1.64 25.32
C SER B 158 9.07 -2.15 25.35
N GLU B 159 9.43 -3.08 24.48
CA GLU B 159 10.76 -3.70 24.53
C GLU B 159 11.74 -3.21 23.48
N SER B 160 11.27 -2.34 22.60
CA SER B 160 12.16 -1.62 21.71
C SER B 160 11.50 -0.35 21.23
N ASP B 161 12.31 0.54 20.70
CA ASP B 161 11.83 1.78 20.09
C ASP B 161 11.18 1.39 18.76
N CYS B 162 10.02 1.97 18.46
CA CYS B 162 9.44 1.83 17.15
C CYS B 162 10.36 2.46 16.11
N VAL B 163 10.10 2.17 14.84
CA VAL B 163 11.03 2.57 13.78
C VAL B 163 11.20 4.08 13.73
N VAL B 164 10.12 4.85 13.76
CA VAL B 164 10.31 6.29 13.56
C VAL B 164 11.03 6.93 14.74
N VAL B 165 10.90 6.36 15.93
CA VAL B 165 11.72 6.80 17.09
C VAL B 165 13.23 6.52 16.83
N GLN B 166 13.52 5.37 16.22
CA GLN B 166 14.89 5.03 15.88
C GLN B 166 15.46 6.01 14.87
N VAL B 167 14.69 6.32 13.83
CA VAL B 167 15.11 7.29 12.81
C VAL B 167 15.34 8.67 13.44
N LEU B 168 14.38 9.19 14.21
CA LEU B 168 14.58 10.46 14.92
C LEU B 168 15.93 10.49 15.65
N LYS B 169 16.15 9.46 16.46
CA LYS B 169 17.40 9.30 17.21
C LYS B 169 18.65 9.24 16.30
N LEU B 170 18.55 8.52 15.18
CA LEU B 170 19.67 8.46 14.22
C LEU B 170 19.86 9.82 13.51
N GLN B 171 18.81 10.63 13.42
CA GLN B 171 18.95 12.01 12.97
C GLN B 171 19.31 13.03 14.07
N GLY B 172 19.73 12.52 15.24
CA GLY B 172 20.21 13.36 16.33
C GLY B 172 19.16 14.03 17.21
N ALA B 173 17.89 13.74 16.96
CA ALA B 173 16.79 14.23 17.80
C ALA B 173 16.80 13.55 19.16
N VAL B 174 16.20 14.20 20.16
CA VAL B 174 16.18 13.68 21.53
C VAL B 174 14.72 13.59 22.01
N PRO B 175 14.05 12.46 21.74
CA PRO B 175 12.69 12.26 22.24
C PRO B 175 12.67 12.22 23.74
N PHE B 176 11.77 12.97 24.37
CA PHE B 176 11.88 13.24 25.82
C PHE B 176 10.63 13.05 26.69
N VAL B 177 9.44 13.08 26.09
CA VAL B 177 8.20 12.82 26.82
C VAL B 177 7.21 12.04 25.98
N HIS B 178 6.46 11.14 26.63
CA HIS B 178 5.24 10.63 26.04
C HIS B 178 4.11 11.57 26.46
N THR B 179 3.25 11.93 25.51
CA THR B 179 2.12 12.80 25.79
C THR B 179 0.77 12.06 25.72
N ASN B 180 -0.20 12.60 26.44
CA ASN B 180 -1.48 11.95 26.73
C ASN B 180 -2.38 11.77 25.49
N VAL B 181 -3.34 10.84 25.60
CA VAL B 181 -4.30 10.52 24.54
C VAL B 181 -5.63 10.09 25.19
N PRO B 182 -6.73 10.19 24.45
CA PRO B 182 -7.99 9.69 25.00
C PRO B 182 -7.96 8.19 25.03
N GLN B 183 -8.67 7.61 25.99
CA GLN B 183 -8.71 6.15 26.16
C GLN B 183 -8.96 5.45 24.81
N SER B 184 -7.95 4.64 24.41
CA SER B 184 -7.98 3.81 23.19
C SER B 184 -7.55 4.59 21.94
N MET B 185 -7.42 5.91 22.06
CA MET B 185 -7.12 6.79 20.95
C MET B 185 -8.25 6.98 19.94
N PHE B 186 -9.38 6.29 20.12
CA PHE B 186 -10.47 6.42 19.14
C PHE B 186 -11.46 7.53 19.52
N SER B 187 -10.96 8.75 19.48
CA SER B 187 -11.64 9.90 20.05
C SER B 187 -10.93 11.16 19.58
N TYR B 188 -11.69 12.25 19.39
CA TYR B 188 -11.06 13.53 19.21
C TYR B 188 -11.07 14.41 20.45
N ASP B 189 -11.34 13.81 21.62
CA ASP B 189 -11.08 14.46 22.92
C ASP B 189 -9.76 13.94 23.48
N CYS B 190 -9.46 14.15 24.77
CA CYS B 190 -8.16 13.70 25.31
C CYS B 190 -8.19 13.36 26.79
N SER B 191 -9.08 12.47 27.18
CA SER B 191 -9.09 11.99 28.57
C SER B 191 -9.07 10.46 28.62
N ASN B 192 -8.43 9.93 29.66
CA ASN B 192 -8.49 8.51 29.97
C ASN B 192 -8.45 8.23 31.49
N PRO B 193 -8.95 7.06 31.92
CA PRO B 193 -9.00 6.77 33.38
C PRO B 193 -7.64 6.61 34.06
N LEU B 194 -6.57 6.45 33.28
CA LEU B 194 -5.22 6.31 33.86
C LEU B 194 -4.58 7.65 34.24
N PHE B 195 -4.27 8.48 33.25
CA PHE B 195 -3.64 9.78 33.50
C PHE B 195 -4.63 10.94 33.54
N GLY B 196 -5.90 10.68 33.24
CA GLY B 196 -6.94 11.71 33.32
C GLY B 196 -7.00 12.58 32.08
N GLN B 197 -7.42 13.83 32.28
CA GLN B 197 -7.89 14.69 31.21
C GLN B 197 -6.90 15.77 30.89
N THR B 198 -6.57 15.88 29.60
CA THR B 198 -5.74 16.95 29.09
C THR B 198 -6.65 18.12 28.71
N MET B 199 -6.16 19.33 28.97
CA MET B 199 -6.93 20.52 28.72
C MET B 199 -6.28 21.34 27.64
N ASN B 200 -7.07 22.18 26.97
CA ASN B 200 -6.54 23.10 25.98
C ASN B 200 -5.75 24.22 26.67
N PRO B 201 -4.52 24.47 26.23
CA PRO B 201 -3.74 25.56 26.86
C PRO B 201 -4.35 26.98 26.73
N TRP B 202 -5.24 27.20 25.78
CA TRP B 202 -5.80 28.54 25.59
C TRP B 202 -6.99 28.75 26.50
N LYS B 203 -7.62 27.66 26.94
CA LYS B 203 -8.84 27.76 27.73
C LYS B 203 -9.16 26.41 28.35
N SER B 204 -9.08 26.35 29.69
CA SER B 204 -9.13 25.09 30.47
C SER B 204 -10.38 24.27 30.33
N SER B 205 -11.49 24.94 30.03
CA SER B 205 -12.76 24.28 29.87
C SER B 205 -12.89 23.68 28.47
N LYS B 206 -11.88 23.86 27.62
CA LYS B 206 -11.95 23.38 26.23
C LYS B 206 -11.05 22.18 26.04
N SER B 207 -11.44 21.34 25.10
CA SER B 207 -10.66 20.18 24.70
C SER B 207 -9.45 20.63 23.92
N PRO B 208 -8.32 19.94 24.11
CA PRO B 208 -7.16 20.17 23.28
C PRO B 208 -7.32 19.47 21.91
N GLY B 209 -8.42 18.76 21.76
CA GLY B 209 -8.61 17.89 20.64
C GLY B 209 -7.84 16.62 20.85
N GLY B 210 -7.88 15.79 19.82
CA GLY B 210 -6.96 14.68 19.72
C GLY B 210 -7.37 13.59 18.75
N SER B 211 -6.66 12.57 18.77
CA SER B 211 -6.29 11.65 19.84
C SER B 211 -4.88 12.12 20.26
N SER B 212 -4.25 12.98 19.45
CA SER B 212 -2.91 13.51 19.70
C SER B 212 -2.97 14.84 20.49
N GLY B 213 -3.79 14.83 21.54
CA GLY B 213 -4.13 16.05 22.28
C GLY B 213 -3.01 16.49 23.20
N GLY B 214 -2.36 15.55 23.83
CA GLY B 214 -1.15 15.84 24.57
C GLY B 214 -0.16 16.66 23.75
N GLU B 215 0.16 16.19 22.55
CA GLU B 215 1.05 16.93 21.63
C GLU B 215 0.52 18.33 21.30
N GLY B 216 -0.79 18.42 21.05
CA GLY B 216 -1.40 19.70 20.73
C GLY B 216 -1.21 20.68 21.85
N ALA B 217 -1.45 20.21 23.08
CA ALA B 217 -1.38 21.03 24.27
C ALA B 217 0.04 21.43 24.57
N LEU B 218 0.95 20.48 24.43
CA LEU B 218 2.35 20.69 24.74
C LEU B 218 3.03 21.66 23.76
N ILE B 219 2.87 21.36 22.47
CA ILE B 219 3.48 22.18 21.41
C ILE B 219 2.79 23.52 21.38
N GLY B 220 1.49 23.51 21.61
CA GLY B 220 0.71 24.73 21.55
C GLY B 220 1.00 25.74 22.63
N SER B 221 1.57 25.30 23.75
CA SER B 221 1.90 26.22 24.84
C SER B 221 3.40 26.51 24.94
N GLY B 222 4.17 26.02 23.98
CA GLY B 222 5.61 26.31 23.88
C GLY B 222 6.56 25.23 24.41
N GLY B 223 6.02 24.09 24.84
CA GLY B 223 6.80 23.09 25.60
C GLY B 223 7.48 22.02 24.81
N SER B 224 7.37 22.10 23.49
CA SER B 224 8.10 21.22 22.56
C SER B 224 8.08 21.83 21.17
N PRO B 225 9.24 21.84 20.51
CA PRO B 225 9.33 22.46 19.19
C PRO B 225 8.79 21.58 18.07
N LEU B 226 8.69 20.28 18.34
CA LEU B 226 8.34 19.29 17.31
C LEU B 226 7.81 18.01 17.96
N GLY B 227 6.75 17.46 17.40
CA GLY B 227 6.22 16.17 17.89
C GLY B 227 5.67 15.33 16.77
N LEU B 228 5.45 14.06 17.06
CA LEU B 228 4.76 13.13 16.16
C LEU B 228 3.42 12.72 16.72
N GLY B 229 2.44 12.63 15.85
CA GLY B 229 1.13 12.10 16.21
C GLY B 229 0.65 11.06 15.22
N THR B 230 -0.58 10.58 15.42
CA THR B 230 -1.18 9.66 14.48
C THR B 230 -2.60 10.11 14.24
N ASP B 231 -3.22 9.54 13.23
CA ASP B 231 -4.43 10.09 12.66
C ASP B 231 -5.09 9.02 11.81
N ILE B 232 -6.31 8.63 12.21
CA ILE B 232 -7.12 7.72 11.37
C ILE B 232 -8.46 8.36 11.00
N GLY B 233 -8.93 9.33 11.81
CA GLY B 233 -10.11 10.11 11.49
C GLY B 233 -9.96 11.62 11.65
N GLY B 234 -8.73 12.09 11.91
CA GLY B 234 -8.43 13.50 12.19
C GLY B 234 -7.50 13.77 13.38
N SER B 235 -6.90 12.72 13.92
CA SER B 235 -6.19 12.78 15.22
C SER B 235 -4.86 13.55 15.27
N ILE B 236 -4.31 13.93 14.12
CA ILE B 236 -3.23 14.92 14.05
C ILE B 236 -3.86 16.32 13.88
N ARG B 237 -4.96 16.38 13.14
CA ARG B 237 -5.47 17.64 12.65
C ARG B 237 -6.34 18.35 13.65
N PHE B 238 -7.17 17.57 14.37
CA PHE B 238 -8.01 18.13 15.44
C PHE B 238 -7.17 18.87 16.49
N PRO B 239 -6.14 18.20 17.07
CA PRO B 239 -5.41 18.88 18.13
C PRO B 239 -4.56 20.03 17.61
N SER B 240 -4.08 19.89 16.38
CA SER B 240 -3.37 21.00 15.75
C SER B 240 -4.30 22.19 15.62
N ALA B 241 -5.46 21.98 15.02
CA ALA B 241 -6.45 23.06 14.83
C ALA B 241 -6.83 23.67 16.18
N PHE B 242 -7.23 22.82 17.13
CA PHE B 242 -7.80 23.28 18.40
C PHE B 242 -6.78 24.08 19.25
N CYS B 243 -5.49 23.72 19.13
CA CYS B 243 -4.44 24.30 19.94
C CYS B 243 -3.59 25.31 19.15
N GLY B 244 -3.96 25.62 17.92
CA GLY B 244 -3.29 26.68 17.15
C GLY B 244 -1.88 26.40 16.68
N ILE B 245 -1.66 25.16 16.24
CA ILE B 245 -0.38 24.77 15.68
C ILE B 245 -0.61 24.09 14.32
N CYS B 246 0.49 23.64 13.70
CA CYS B 246 0.48 22.92 12.40
C CYS B 246 0.64 21.42 12.53
N GLY B 247 -0.02 20.70 11.62
CA GLY B 247 0.06 19.24 11.60
C GLY B 247 -0.12 18.71 10.20
N LEU B 248 0.56 17.63 9.87
CA LEU B 248 0.43 17.01 8.57
C LEU B 248 0.10 15.56 8.78
N LYS B 249 -1.00 15.12 8.17
CA LYS B 249 -1.29 13.70 8.01
C LYS B 249 -0.87 13.32 6.60
N PRO B 250 0.26 12.63 6.48
CA PRO B 250 0.67 12.13 5.16
C PRO B 250 -0.20 10.99 4.65
N THR B 251 0.02 10.61 3.40
CA THR B 251 -0.44 9.31 2.92
C THR B 251 0.03 8.25 3.91
N GLY B 252 -0.84 7.26 4.14
CA GLY B 252 -0.68 6.32 5.25
C GLY B 252 0.63 5.59 5.24
N ASN B 253 1.09 5.24 4.05
CA ASN B 253 2.31 4.44 3.94
C ASN B 253 3.53 5.26 3.48
N ARG B 254 3.52 6.57 3.73
CA ARG B 254 4.69 7.41 3.46
C ARG B 254 5.71 7.25 4.56
N LEU B 255 5.22 7.01 5.75
CA LEU B 255 6.03 6.82 6.91
C LEU B 255 5.74 5.47 7.53
N SER B 256 6.56 5.07 8.47
CA SER B 256 6.56 3.75 9.04
C SER B 256 5.74 3.64 10.29
N LYS B 257 4.89 2.66 10.31
CA LYS B 257 4.10 2.40 11.46
C LYS B 257 4.64 1.22 12.17
N SER B 258 5.78 0.74 11.77
CA SER B 258 6.38 -0.40 12.48
C SER B 258 6.71 -0.04 13.92
N GLY B 259 6.16 -0.81 14.86
CA GLY B 259 6.38 -0.63 16.30
C GLY B 259 5.36 0.26 17.00
N LEU B 260 4.41 0.82 16.25
CA LEU B 260 3.39 1.67 16.85
C LEU B 260 2.45 0.80 17.66
N LYS B 261 2.04 1.31 18.82
CA LYS B 261 1.01 0.66 19.63
C LYS B 261 -0.37 1.05 19.13
N GLY B 262 -1.24 0.07 19.00
CA GLY B 262 -2.64 0.33 18.62
C GLY B 262 -3.55 -0.63 19.34
N CYS B 263 -4.85 -0.51 19.09
CA CYS B 263 -5.81 -1.37 19.76
C CYS B 263 -6.71 -2.21 18.85
N VAL B 264 -6.57 -2.06 17.54
CA VAL B 264 -7.26 -2.88 16.58
C VAL B 264 -6.21 -3.19 15.54
N TYR B 265 -6.08 -4.46 15.16
CA TYR B 265 -5.05 -4.82 14.24
C TYR B 265 -5.65 -5.53 13.03
N GLY B 266 -5.09 -5.19 11.86
CA GLY B 266 -5.46 -5.77 10.58
C GLY B 266 -6.61 -5.08 9.85
N GLN B 267 -7.03 -3.93 10.35
CA GLN B 267 -8.04 -3.12 9.69
C GLN B 267 -7.33 -2.28 8.64
N THR B 268 -7.51 -2.61 7.37
CA THR B 268 -6.75 -1.94 6.30
C THR B 268 -7.60 -1.03 5.39
N ALA B 269 -8.92 -1.14 5.45
CA ALA B 269 -9.81 -0.27 4.63
C ALA B 269 -9.55 1.25 4.84
N VAL B 270 -9.46 1.69 6.09
CA VAL B 270 -9.19 3.08 6.46
C VAL B 270 -7.89 3.10 7.25
N GLN B 271 -6.83 3.55 6.60
CA GLN B 271 -5.46 3.38 7.11
C GLN B 271 -4.95 4.48 8.02
N LEU B 272 -4.38 4.06 9.14
CA LEU B 272 -3.64 4.92 10.05
C LEU B 272 -2.58 5.67 9.27
N SER B 273 -2.30 6.87 9.73
CA SER B 273 -1.17 7.62 9.23
C SER B 273 -0.49 8.27 10.44
N LEU B 274 0.83 8.45 10.33
CA LEU B 274 1.63 9.10 11.36
C LEU B 274 2.32 10.30 10.76
N GLY B 275 2.45 11.37 11.52
CA GLY B 275 2.96 12.58 10.93
C GLY B 275 3.35 13.57 11.99
N PRO B 276 4.06 14.63 11.59
CA PRO B 276 4.54 15.70 12.48
C PRO B 276 3.54 16.79 12.85
N MET B 277 3.78 17.36 14.03
CA MET B 277 3.05 18.48 14.60
C MET B 277 4.11 19.47 15.08
N ALA B 278 3.87 20.77 14.90
CA ALA B 278 4.90 21.79 15.16
C ALA B 278 4.30 23.20 15.10
N ARG B 279 5.12 24.22 15.34
CA ARG B 279 4.65 25.59 15.41
C ARG B 279 4.55 26.27 14.05
N ASP B 280 5.25 25.72 13.06
CA ASP B 280 5.17 26.25 11.69
C ASP B 280 5.30 25.15 10.63
N VAL B 281 5.04 25.51 9.36
CA VAL B 281 5.12 24.57 8.23
C VAL B 281 6.56 24.10 7.95
N GLU B 282 7.52 25.01 7.99
CA GLU B 282 8.92 24.65 7.82
C GLU B 282 9.35 23.51 8.73
N SER B 283 8.81 23.50 9.94
CA SER B 283 9.10 22.47 10.92
C SER B 283 8.59 21.10 10.47
N LEU B 284 7.39 21.06 9.91
CA LEU B 284 6.85 19.81 9.39
C LEU B 284 7.71 19.35 8.20
N ALA B 285 8.04 20.28 7.31
CA ALA B 285 8.90 19.98 6.17
C ALA B 285 10.26 19.36 6.61
N LEU B 286 10.90 19.99 7.58
CA LEU B 286 12.19 19.51 8.08
C LEU B 286 12.03 18.12 8.67
N CYS B 287 10.98 17.95 9.45
CA CYS B 287 10.71 16.68 10.05
C CYS B 287 10.55 15.57 9.02
N LEU B 288 9.77 15.81 7.96
CA LEU B 288 9.61 14.80 6.91
C LEU B 288 10.94 14.50 6.22
N LYS B 289 11.67 15.56 5.93
CA LYS B 289 12.94 15.42 5.26
C LYS B 289 13.87 14.56 6.11
N ALA B 290 13.80 14.68 7.43
CA ALA B 290 14.69 13.92 8.31
C ALA B 290 14.27 12.47 8.44
N LEU B 291 12.96 12.23 8.39
CA LEU B 291 12.44 10.88 8.51
C LEU B 291 12.63 10.13 7.20
N LEU B 292 12.41 10.81 6.07
CA LEU B 292 12.46 10.13 4.77
C LEU B 292 13.91 9.97 4.33
N CYS B 293 14.68 9.18 5.08
CA CYS B 293 16.09 8.95 4.81
C CYS B 293 16.38 7.47 4.65
N GLU B 294 17.64 7.13 4.38
CA GLU B 294 18.01 5.72 4.25
C GLU B 294 17.76 4.88 5.52
N HIS B 295 17.95 5.47 6.69
CA HIS B 295 17.70 4.73 7.94
C HIS B 295 16.28 4.21 8.05
N LEU B 296 15.31 5.06 7.73
CA LEU B 296 13.92 4.61 7.73
C LEU B 296 13.72 3.55 6.67
N PHE B 297 14.16 3.84 5.44
CA PHE B 297 13.85 2.96 4.31
C PHE B 297 14.43 1.55 4.48
N THR B 298 15.60 1.44 5.09
CA THR B 298 16.20 0.14 5.34
C THR B 298 15.61 -0.51 6.59
N LEU B 299 15.27 0.27 7.61
CA LEU B 299 14.69 -0.28 8.84
C LEU B 299 13.31 -0.85 8.59
N ASP B 300 12.62 -0.27 7.64
CA ASP B 300 11.33 -0.73 7.25
C ASP B 300 11.23 -0.76 5.76
N PRO B 301 11.62 -1.86 5.13
CA PRO B 301 11.54 -1.93 3.68
C PRO B 301 10.15 -1.88 3.09
N THR B 302 9.12 -2.02 3.92
CA THR B 302 7.74 -1.97 3.43
C THR B 302 7.31 -0.55 3.04
N VAL B 303 8.01 0.47 3.52
CA VAL B 303 7.71 1.85 3.12
C VAL B 303 8.40 2.14 1.80
N PRO B 304 7.69 2.74 0.85
CA PRO B 304 8.38 3.03 -0.40
C PRO B 304 9.47 4.10 -0.20
N PRO B 305 10.69 3.85 -0.70
CA PRO B 305 11.79 4.78 -0.42
C PRO B 305 11.72 6.08 -1.25
N LEU B 306 10.70 6.89 -0.97
CA LEU B 306 10.45 8.15 -1.65
C LEU B 306 11.13 9.25 -0.86
N PRO B 307 12.19 9.85 -1.41
CA PRO B 307 12.89 10.85 -0.58
C PRO B 307 12.13 12.16 -0.64
N PHE B 308 12.27 13.01 0.38
CA PHE B 308 11.65 14.35 0.36
C PHE B 308 12.11 15.19 -0.85
N ARG B 309 11.18 15.53 -1.73
CA ARG B 309 11.46 16.35 -2.89
C ARG B 309 11.47 17.85 -2.55
N GLU B 310 12.65 18.37 -2.22
CA GLU B 310 12.80 19.76 -1.83
C GLU B 310 12.37 20.72 -2.94
N GLU B 311 12.67 20.36 -4.19
CA GLU B 311 12.28 21.18 -5.34
C GLU B 311 10.76 21.41 -5.39
N VAL B 312 9.96 20.37 -5.14
CA VAL B 312 8.51 20.54 -5.09
C VAL B 312 8.08 21.39 -3.86
N TYR B 313 8.64 21.09 -2.69
CA TYR B 313 8.30 21.89 -1.51
C TYR B 313 8.62 23.40 -1.69
N ARG B 314 9.75 23.73 -2.31
CA ARG B 314 10.22 25.11 -2.43
C ARG B 314 9.66 25.88 -3.62
N SER B 315 8.83 25.24 -4.42
CA SER B 315 8.28 25.86 -5.61
C SER B 315 7.40 27.05 -5.28
N SER B 316 7.46 28.06 -6.13
CA SER B 316 6.65 29.26 -5.97
C SER B 316 5.72 29.46 -7.17
N ARG B 317 5.45 28.38 -7.92
CA ARG B 317 4.50 28.40 -9.04
C ARG B 317 3.07 28.69 -8.58
N PRO B 318 2.28 29.44 -9.38
CA PRO B 318 0.87 29.60 -9.01
C PRO B 318 0.18 28.24 -8.97
N LEU B 319 -0.87 28.11 -8.16
CA LEU B 319 -1.51 26.84 -7.88
C LEU B 319 -2.96 26.88 -8.33
N ARG B 320 -3.43 25.75 -8.85
CA ARG B 320 -4.85 25.56 -9.05
C ARG B 320 -5.37 24.96 -7.75
N VAL B 321 -6.13 25.76 -6.99
CA VAL B 321 -6.59 25.43 -5.66
C VAL B 321 -8.09 25.23 -5.69
N GLY B 322 -8.54 23.99 -5.61
CA GLY B 322 -9.95 23.69 -5.35
C GLY B 322 -10.33 24.10 -3.93
N TYR B 323 -11.62 24.30 -3.68
CA TYR B 323 -12.06 24.78 -2.37
C TYR B 323 -13.55 24.54 -2.15
N TYR B 324 -13.91 24.32 -0.89
CA TYR B 324 -15.30 24.33 -0.48
C TYR B 324 -15.41 24.98 0.88
N GLU B 325 -16.50 25.69 1.12
CA GLU B 325 -16.69 26.43 2.38
C GLU B 325 -17.48 25.60 3.37
N THR B 326 -18.02 24.50 2.88
CA THR B 326 -18.80 23.56 3.68
C THR B 326 -18.84 22.22 2.96
N ASP B 327 -18.94 21.13 3.73
CA ASP B 327 -19.05 19.81 3.13
C ASP B 327 -20.52 19.35 3.13
N ASN B 328 -21.43 20.27 3.43
CA ASN B 328 -22.85 19.98 3.60
C ASN B 328 -23.17 18.84 4.54
N TYR B 329 -22.22 18.45 5.39
CA TYR B 329 -22.45 17.39 6.35
C TYR B 329 -22.43 17.99 7.76
N THR B 330 -21.31 18.63 8.09
CA THR B 330 -21.17 19.42 9.32
C THR B 330 -21.21 20.90 8.95
N MET B 331 -22.29 21.59 9.30
CA MET B 331 -22.30 23.04 9.13
C MET B 331 -21.06 23.62 9.82
N PRO B 332 -20.28 24.43 9.09
CA PRO B 332 -19.12 24.97 9.75
C PRO B 332 -19.54 26.12 10.67
N SER B 333 -18.74 26.35 11.69
CA SER B 333 -18.93 27.49 12.57
C SER B 333 -18.66 28.75 11.79
N PRO B 334 -19.23 29.87 12.24
CA PRO B 334 -18.89 31.15 11.64
C PRO B 334 -17.39 31.34 11.54
N ALA B 335 -16.65 31.12 12.62
CA ALA B 335 -15.20 31.23 12.56
C ALA B 335 -14.56 30.32 11.49
N MET B 336 -15.02 29.08 11.36
CA MET B 336 -14.50 28.19 10.30
C MET B 336 -14.73 28.77 8.92
N ARG B 337 -15.94 29.25 8.68
CA ARG B 337 -16.31 29.74 7.38
C ARG B 337 -15.48 30.98 6.96
N ARG B 338 -15.34 31.92 7.90
CA ARG B 338 -14.60 33.15 7.67
C ARG B 338 -13.13 32.84 7.42
N ALA B 339 -12.57 31.95 8.22
CA ALA B 339 -11.21 31.45 8.01
C ALA B 339 -11.02 30.97 6.57
N LEU B 340 -11.96 30.16 6.09
CA LEU B 340 -11.88 29.59 4.74
C LEU B 340 -11.94 30.67 3.65
N ILE B 341 -12.91 31.58 3.76
CA ILE B 341 -13.12 32.62 2.75
C ILE B 341 -11.96 33.62 2.70
N GLU B 342 -11.45 33.99 3.85
CA GLU B 342 -10.31 34.90 3.91
C GLU B 342 -9.06 34.30 3.31
N THR B 343 -8.83 33.01 3.56
CA THR B 343 -7.71 32.30 2.95
C THR B 343 -7.92 32.19 1.43
N LYS B 344 -9.11 31.78 1.03
CA LYS B 344 -9.46 31.76 -0.38
C LYS B 344 -9.05 33.08 -1.01
N GLN B 345 -9.47 34.17 -0.37
CA GLN B 345 -9.31 35.52 -0.90
C GLN B 345 -7.86 35.98 -0.99
N ARG B 346 -7.05 35.67 0.01
CA ARG B 346 -5.62 36.01 -0.02
C ARG B 346 -4.86 35.20 -1.06
N LEU B 347 -5.30 33.95 -1.29
CA LEU B 347 -4.73 33.11 -2.34
C LEU B 347 -5.04 33.69 -3.73
N GLU B 348 -6.29 34.11 -3.92
CA GLU B 348 -6.70 34.79 -5.17
C GLU B 348 -5.86 36.01 -5.39
N ALA B 349 -5.72 36.82 -4.32
CA ALA B 349 -4.93 38.06 -4.34
C ALA B 349 -3.44 37.80 -4.68
N ALA B 350 -2.94 36.62 -4.34
CA ALA B 350 -1.53 36.26 -4.61
C ALA B 350 -1.35 35.60 -5.97
N GLY B 351 -2.41 35.45 -6.76
CA GLY B 351 -2.27 34.92 -8.12
C GLY B 351 -2.72 33.49 -8.34
N HIS B 352 -3.18 32.80 -7.30
CA HIS B 352 -3.65 31.41 -7.47
C HIS B 352 -5.09 31.36 -8.04
N THR B 353 -5.44 30.26 -8.69
CA THR B 353 -6.78 30.05 -9.23
C THR B 353 -7.60 29.26 -8.25
N LEU B 354 -8.68 29.84 -7.76
CA LEU B 354 -9.54 29.18 -6.79
C LEU B 354 -10.75 28.62 -7.52
N ILE B 355 -10.94 27.31 -7.42
CA ILE B 355 -11.96 26.57 -8.17
C ILE B 355 -12.92 25.85 -7.22
N PRO B 356 -14.22 26.16 -7.29
CA PRO B 356 -15.12 25.38 -6.41
C PRO B 356 -15.02 23.86 -6.71
N PHE B 357 -14.90 23.08 -5.64
CA PHE B 357 -14.68 21.65 -5.76
C PHE B 357 -15.20 21.00 -4.51
N LEU B 358 -16.07 20.01 -4.65
CA LEU B 358 -16.55 19.21 -3.50
C LEU B 358 -16.44 17.76 -3.91
N PRO B 359 -15.65 16.97 -3.17
CA PRO B 359 -15.66 15.52 -3.39
C PRO B 359 -17.08 14.97 -3.40
N ASN B 360 -17.34 14.10 -4.36
CA ASN B 360 -18.64 13.49 -4.52
C ASN B 360 -18.98 12.55 -3.36
N ASN B 361 -20.26 12.38 -3.07
CA ASN B 361 -20.78 11.36 -2.16
C ASN B 361 -20.13 11.29 -0.80
N ILE B 362 -20.00 12.46 -0.17
CA ILE B 362 -19.41 12.56 1.15
C ILE B 362 -20.20 11.73 2.18
N PRO B 363 -21.53 11.85 2.19
CA PRO B 363 -22.33 11.08 3.14
C PRO B 363 -22.01 9.59 3.11
N TYR B 364 -21.91 9.05 1.90
CA TYR B 364 -21.60 7.64 1.65
C TYR B 364 -20.16 7.29 2.06
N ALA B 365 -19.21 8.19 1.85
CA ALA B 365 -17.82 7.96 2.26
C ALA B 365 -17.71 7.91 3.77
N LEU B 366 -18.52 8.71 4.46
CA LEU B 366 -18.41 8.81 5.92
C LEU B 366 -19.19 7.68 6.57
N GLU B 367 -20.46 7.60 6.18
CA GLU B 367 -21.42 6.67 6.77
C GLU B 367 -21.18 5.19 6.38
N VAL B 368 -21.00 4.92 5.08
CA VAL B 368 -20.80 3.54 4.65
C VAL B 368 -19.33 3.13 4.64
N LEU B 369 -18.47 3.89 3.96
CA LEU B 369 -17.08 3.43 3.74
C LEU B 369 -16.20 3.60 4.97
N SER B 370 -16.19 4.80 5.54
CA SER B 370 -15.34 5.10 6.70
C SER B 370 -15.80 4.39 7.98
N THR B 371 -17.06 4.55 8.35
CA THR B 371 -17.61 3.88 9.53
C THR B 371 -17.54 2.38 9.40
N GLY B 372 -18.01 1.86 8.26
CA GLY B 372 -17.97 0.42 7.94
C GLY B 372 -16.58 -0.18 7.93
N GLY B 373 -15.62 0.56 7.37
CA GLY B 373 -14.22 0.16 7.37
C GLY B 373 -13.63 0.13 8.77
N LEU B 374 -13.94 1.15 9.55
CA LEU B 374 -13.49 1.21 10.94
C LEU B 374 -14.20 0.19 11.85
N PHE B 375 -15.43 -0.21 11.51
CA PHE B 375 -16.21 -1.10 12.38
C PHE B 375 -16.84 -2.30 11.66
N SER B 376 -16.12 -2.86 10.69
CA SER B 376 -16.59 -3.98 9.89
C SER B 376 -16.97 -5.18 10.75
N ASP B 377 -16.32 -5.30 11.89
CA ASP B 377 -16.57 -6.42 12.77
C ASP B 377 -17.54 -6.04 13.88
N GLY B 378 -18.27 -4.94 13.72
CA GLY B 378 -19.28 -4.52 14.70
C GLY B 378 -18.72 -3.92 15.98
N GLY B 379 -17.41 -3.74 16.04
CA GLY B 379 -16.75 -3.20 17.22
C GLY B 379 -16.13 -4.26 18.11
N ARG B 380 -16.25 -5.54 17.76
CA ARG B 380 -15.91 -6.60 18.71
C ARG B 380 -14.42 -6.61 19.09
N SER B 381 -13.54 -6.53 18.11
CA SER B 381 -12.10 -6.43 18.41
C SER B 381 -11.75 -5.22 19.26
N PHE B 382 -12.39 -4.09 18.96
CA PHE B 382 -12.18 -2.85 19.69
C PHE B 382 -12.63 -3.02 21.13
N LEU B 383 -13.84 -3.55 21.31
CA LEU B 383 -14.39 -3.75 22.65
C LEU B 383 -13.56 -4.69 23.52
N GLN B 384 -12.82 -5.65 22.97
CA GLN B 384 -11.98 -6.51 23.83
C GLN B 384 -11.09 -5.65 24.73
N ASN B 385 -10.59 -4.53 24.21
CA ASN B 385 -9.76 -3.60 24.98
C ASN B 385 -10.42 -3.08 26.25
N PHE B 386 -11.74 -3.07 26.29
CA PHE B 386 -12.43 -2.48 27.44
C PHE B 386 -12.93 -3.47 28.43
N LYS B 387 -12.73 -4.76 28.17
CA LYS B 387 -13.10 -5.79 29.16
C LYS B 387 -12.40 -5.50 30.48
N GLY B 388 -13.20 -5.31 31.53
CA GLY B 388 -12.65 -5.11 32.86
C GLY B 388 -12.42 -3.65 33.22
N ASP B 389 -12.44 -2.79 32.22
CA ASP B 389 -11.96 -1.41 32.38
C ASP B 389 -13.10 -0.39 32.62
N PHE B 390 -12.75 0.80 33.08
CA PHE B 390 -13.69 1.91 33.11
C PHE B 390 -13.76 2.44 31.69
N VAL B 391 -14.87 3.09 31.37
CA VAL B 391 -15.05 3.73 30.07
C VAL B 391 -15.03 5.24 30.32
N ASP B 392 -13.99 5.92 29.84
CA ASP B 392 -13.84 7.35 30.08
C ASP B 392 -15.10 8.07 29.61
N PRO B 393 -15.62 9.00 30.43
CA PRO B 393 -16.73 9.82 29.99
C PRO B 393 -16.55 10.46 28.64
N CYS B 394 -15.33 10.77 28.24
CA CYS B 394 -15.16 11.52 26.98
C CYS B 394 -15.36 10.66 25.72
N LEU B 395 -15.53 9.34 25.89
CA LEU B 395 -15.89 8.43 24.79
C LEU B 395 -17.40 8.37 24.56
N GLY B 396 -18.16 8.98 25.46
CA GLY B 396 -19.58 9.05 25.34
C GLY B 396 -20.20 7.67 25.40
N ASP B 397 -21.18 7.44 24.52
CA ASP B 397 -21.88 6.17 24.44
C ASP B 397 -21.32 5.24 23.39
N LEU B 398 -20.17 5.57 22.81
CA LEU B 398 -19.58 4.70 21.77
C LEU B 398 -19.59 3.22 22.18
N ILE B 399 -19.12 2.93 23.39
CA ILE B 399 -18.95 1.55 23.83
C ILE B 399 -20.31 0.92 24.03
N LEU B 400 -21.21 1.66 24.64
CA LEU B 400 -22.57 1.18 24.86
C LEU B 400 -23.18 0.80 23.51
N ILE B 401 -22.95 1.61 22.49
CA ILE B 401 -23.55 1.41 21.19
C ILE B 401 -22.95 0.18 20.49
N LEU B 402 -21.62 0.09 20.48
CA LEU B 402 -20.90 -1.05 19.87
C LEU B 402 -21.26 -2.37 20.52
N ARG B 403 -21.51 -2.36 21.84
CA ARG B 403 -21.93 -3.56 22.58
C ARG B 403 -23.28 -4.13 22.15
N LEU B 404 -24.14 -3.30 21.58
CA LEU B 404 -25.49 -3.73 21.24
C LEU B 404 -25.43 -4.83 20.19
N PRO B 405 -26.26 -5.88 20.35
CA PRO B 405 -26.31 -6.93 19.32
C PRO B 405 -26.73 -6.38 17.95
N SER B 406 -26.34 -7.09 16.90
CA SER B 406 -26.45 -6.57 15.54
C SER B 406 -27.90 -6.36 15.13
N TRP B 407 -28.77 -7.27 15.55
CA TRP B 407 -30.19 -7.13 15.27
C TRP B 407 -30.78 -5.89 15.91
N PHE B 408 -30.29 -5.53 17.10
CA PHE B 408 -30.76 -4.33 17.81
C PHE B 408 -30.22 -3.05 17.21
N LYS B 409 -28.96 -3.06 16.79
CA LYS B 409 -28.43 -1.92 16.05
C LYS B 409 -29.29 -1.70 14.82
N ARG B 410 -29.72 -2.80 14.19
CA ARG B 410 -30.53 -2.73 12.99
C ARG B 410 -31.93 -2.21 13.22
N LEU B 411 -32.64 -2.77 14.19
CA LEU B 411 -33.98 -2.29 14.55
C LEU B 411 -33.93 -0.81 14.97
N LEU B 412 -33.00 -0.47 15.85
CA LEU B 412 -32.81 0.94 16.22
C LEU B 412 -32.63 1.79 14.96
N SER B 413 -31.84 1.30 14.01
CA SER B 413 -31.53 2.05 12.79
C SER B 413 -32.76 2.34 11.96
N LEU B 414 -33.58 1.31 11.76
CA LEU B 414 -34.86 1.46 11.06
C LEU B 414 -35.82 2.42 11.79
N LEU B 415 -35.78 2.46 13.13
CA LEU B 415 -36.64 3.39 13.86
C LEU B 415 -36.17 4.83 13.69
N LEU B 416 -34.87 5.05 13.81
CA LEU B 416 -34.29 6.39 13.71
C LEU B 416 -34.24 6.98 12.29
N LYS B 417 -34.34 6.13 11.26
CA LYS B 417 -34.09 6.56 9.87
C LYS B 417 -34.94 7.76 9.42
N PRO B 418 -36.26 7.70 9.63
CA PRO B 418 -37.11 8.80 9.15
C PRO B 418 -36.85 10.12 9.86
N LEU B 419 -36.56 10.11 11.16
CA LEU B 419 -36.32 11.37 11.90
C LEU B 419 -34.84 11.76 11.85
N PHE B 420 -33.95 10.82 12.14
CA PHE B 420 -32.52 11.11 12.23
C PHE B 420 -31.73 10.18 11.30
N PRO B 421 -31.78 10.43 9.98
CA PRO B 421 -31.12 9.54 9.03
C PRO B 421 -29.61 9.32 9.26
N ARG B 422 -28.91 10.34 9.76
CA ARG B 422 -27.46 10.24 10.01
C ARG B 422 -27.14 9.24 11.10
N LEU B 423 -27.83 9.41 12.23
CA LEU B 423 -27.71 8.50 13.35
C LEU B 423 -28.01 7.09 12.86
N ALA B 424 -29.13 6.95 12.13
CA ALA B 424 -29.52 5.69 11.54
C ALA B 424 -28.40 5.08 10.71
N ALA B 425 -27.78 5.89 9.86
CA ALA B 425 -26.74 5.42 8.95
C ALA B 425 -25.51 4.87 9.68
N PHE B 426 -24.95 5.66 10.61
CA PHE B 426 -23.78 5.22 11.40
C PHE B 426 -24.11 3.92 12.12
N LEU B 427 -25.25 3.89 12.80
CA LEU B 427 -25.64 2.72 13.57
C LEU B 427 -25.68 1.46 12.68
N ASN B 428 -26.28 1.58 11.50
CA ASN B 428 -26.40 0.44 10.61
C ASN B 428 -25.05 -0.02 10.16
N ASN B 429 -24.15 0.92 9.90
CA ASN B 429 -22.84 0.56 9.36
C ASN B 429 -21.80 0.13 10.41
N MET B 430 -22.24 0.07 11.67
CA MET B 430 -21.38 -0.31 12.77
C MET B 430 -21.67 -1.76 13.18
N ARG B 431 -22.32 -2.50 12.26
CA ARG B 431 -22.71 -3.90 12.50
C ARG B 431 -21.68 -4.89 11.93
N PRO B 432 -21.61 -6.11 12.51
CA PRO B 432 -20.64 -7.07 11.99
C PRO B 432 -21.06 -7.63 10.64
N ARG B 433 -20.08 -8.12 9.89
CA ARG B 433 -20.33 -8.71 8.59
C ARG B 433 -19.30 -9.80 8.27
N SER B 434 -19.54 -10.48 7.15
CA SER B 434 -18.64 -11.49 6.67
C SER B 434 -17.40 -10.89 5.98
N ALA B 435 -16.38 -11.73 5.85
CA ALA B 435 -15.25 -11.46 4.94
C ALA B 435 -15.72 -11.07 3.54
N GLU B 436 -16.73 -11.75 3.01
CA GLU B 436 -17.27 -11.46 1.69
C GLU B 436 -17.70 -9.98 1.54
N LYS B 437 -18.43 -9.48 2.54
CA LYS B 437 -18.89 -8.09 2.59
C LYS B 437 -17.76 -7.11 2.80
N LEU B 438 -16.76 -7.50 3.60
CA LEU B 438 -15.60 -6.62 3.75
C LEU B 438 -14.88 -6.46 2.40
N TRP B 439 -14.75 -7.55 1.64
CA TRP B 439 -14.18 -7.47 0.27
C TRP B 439 -14.95 -6.45 -0.56
N LYS B 440 -16.26 -6.56 -0.53
CA LYS B 440 -17.10 -5.62 -1.26
C LYS B 440 -16.86 -4.18 -0.80
N LEU B 441 -16.68 -4.00 0.51
CA LEU B 441 -16.40 -2.65 1.09
C LEU B 441 -15.04 -2.11 0.65
N GLN B 442 -14.01 -2.98 0.64
CA GLN B 442 -12.65 -2.60 0.28
C GLN B 442 -12.63 -2.17 -1.17
N HIS B 443 -13.36 -2.87 -2.02
CA HIS B 443 -13.44 -2.52 -3.41
C HIS B 443 -14.11 -1.16 -3.64
N GLU B 444 -15.19 -0.92 -2.90
CA GLU B 444 -15.88 0.38 -2.97
C GLU B 444 -14.99 1.54 -2.50
N ILE B 445 -14.14 1.30 -1.51
CA ILE B 445 -13.19 2.32 -1.07
C ILE B 445 -12.20 2.67 -2.20
N GLU B 446 -11.72 1.67 -2.87
CA GLU B 446 -10.81 1.81 -3.97
C GLU B 446 -11.42 2.52 -5.19
N MET B 447 -12.65 2.18 -5.52
CA MET B 447 -13.42 2.88 -6.57
CA MET B 447 -13.37 2.80 -6.53
C MET B 447 -13.75 4.35 -6.23
N TYR B 448 -14.05 4.61 -4.96
CA TYR B 448 -14.38 5.94 -4.50
C TYR B 448 -13.16 6.83 -4.64
N ARG B 449 -12.04 6.29 -4.19
CA ARG B 449 -10.74 6.95 -4.30
C ARG B 449 -10.43 7.37 -5.73
N GLN B 450 -10.64 6.47 -6.68
CA GLN B 450 -10.38 6.76 -8.07
C GLN B 450 -11.42 7.74 -8.60
N SER B 451 -12.63 7.71 -8.03
CA SER B 451 -13.69 8.61 -8.51
C SER B 451 -13.36 10.07 -8.16
N VAL B 452 -12.83 10.30 -6.95
CA VAL B 452 -12.41 11.65 -6.52
C VAL B 452 -11.15 12.09 -7.28
N ILE B 453 -10.21 11.17 -7.45
CA ILE B 453 -9.05 11.45 -8.29
C ILE B 453 -9.52 11.91 -9.67
N ALA B 454 -10.52 11.23 -10.22
CA ALA B 454 -11.06 11.56 -11.54
C ALA B 454 -11.64 12.98 -11.55
N GLN B 455 -12.46 13.26 -10.55
CA GLN B 455 -13.00 14.61 -10.36
C GLN B 455 -11.87 15.63 -10.42
N TRP B 456 -10.86 15.36 -9.61
CA TRP B 456 -9.73 16.22 -9.35
C TRP B 456 -8.99 16.50 -10.66
N LYS B 457 -8.71 15.45 -11.39
CA LYS B 457 -8.05 15.59 -12.69
C LYS B 457 -8.91 16.33 -13.68
N ALA B 458 -10.22 16.12 -13.66
CA ALA B 458 -11.14 16.82 -14.59
C ALA B 458 -11.10 18.35 -14.44
N MET B 459 -10.87 18.83 -13.22
CA MET B 459 -10.68 20.27 -12.98
C MET B 459 -9.22 20.65 -12.93
N ASN B 460 -8.34 19.69 -13.13
CA ASN B 460 -6.91 19.93 -13.13
C ASN B 460 -6.39 20.65 -11.86
N LEU B 461 -6.89 20.23 -10.71
CA LEU B 461 -6.43 20.81 -9.44
C LEU B 461 -4.97 20.43 -9.19
N ASP B 462 -4.23 21.29 -8.47
CA ASP B 462 -2.95 20.93 -7.86
C ASP B 462 -3.20 20.53 -6.41
N VAL B 463 -4.05 21.31 -5.74
CA VAL B 463 -4.32 21.15 -4.30
C VAL B 463 -5.76 21.50 -4.01
N LEU B 464 -6.18 21.26 -2.77
CA LEU B 464 -7.55 21.48 -2.33
C LEU B 464 -7.60 22.15 -0.94
N LEU B 465 -8.33 23.26 -0.83
CA LEU B 465 -8.49 24.01 0.42
C LEU B 465 -9.86 23.68 1.01
N THR B 466 -9.90 23.18 2.24
CA THR B 466 -11.21 22.89 2.87
C THR B 466 -11.26 23.56 4.24
N PRO B 467 -12.46 23.61 4.84
CA PRO B 467 -12.52 23.99 6.25
C PRO B 467 -11.89 22.93 7.15
N MET B 468 -11.60 23.32 8.39
CA MET B 468 -11.11 22.43 9.41
C MET B 468 -11.95 22.70 10.63
N LEU B 469 -12.41 21.65 11.30
CA LEU B 469 -13.34 21.82 12.43
C LEU B 469 -12.70 22.70 13.48
N GLY B 470 -13.43 23.71 13.89
CA GLY B 470 -12.88 24.68 14.80
C GLY B 470 -13.95 25.48 15.42
N PRO B 471 -13.76 26.25 16.46
CA PRO B 471 -12.70 26.18 17.43
C PRO B 471 -12.88 24.95 18.27
N ALA B 472 -12.04 24.81 19.26
CA ALA B 472 -12.08 23.66 20.16
C ALA B 472 -13.47 23.52 20.81
N LEU B 473 -13.96 22.29 20.84
CA LEU B 473 -15.15 21.92 21.59
C LEU B 473 -14.84 21.88 23.09
N ASP B 474 -15.87 22.05 23.92
CA ASP B 474 -15.75 21.88 25.36
C ASP B 474 -15.34 20.43 25.69
N LEU B 475 -14.73 20.26 26.85
CA LEU B 475 -14.39 18.94 27.33
C LEU B 475 -15.60 18.02 27.31
N ASN B 476 -15.34 16.76 26.97
CA ASN B 476 -16.36 15.71 26.97
C ASN B 476 -17.50 15.92 25.97
N THR B 477 -17.26 16.71 24.93
CA THR B 477 -18.26 16.83 23.87
C THR B 477 -17.90 16.23 22.49
N PRO B 478 -16.61 16.16 22.13
CA PRO B 478 -16.31 15.43 20.89
C PRO B 478 -16.92 14.04 20.85
N GLY B 479 -16.90 13.33 21.96
CA GLY B 479 -17.53 12.02 22.03
C GLY B 479 -19.02 12.02 21.72
N ARG B 480 -19.63 13.19 21.68
CA ARG B 480 -21.06 13.29 21.41
C ARG B 480 -21.38 14.06 20.16
N ALA B 481 -20.34 14.43 19.40
CA ALA B 481 -20.48 15.14 18.13
C ALA B 481 -19.66 14.37 17.12
N THR B 482 -20.09 13.12 16.86
CA THR B 482 -19.34 12.24 15.95
C THR B 482 -19.35 12.73 14.50
N GLY B 483 -20.46 13.35 14.10
CA GLY B 483 -20.64 13.90 12.76
C GLY B 483 -19.56 14.89 12.35
N ALA B 484 -19.02 15.60 13.34
CA ALA B 484 -18.01 16.64 13.11
C ALA B 484 -16.68 16.12 12.58
N VAL B 485 -16.53 14.81 12.45
CA VAL B 485 -15.31 14.25 11.90
C VAL B 485 -15.32 14.31 10.37
N SER B 486 -16.43 14.77 9.78
CA SER B 486 -16.60 14.75 8.33
C SER B 486 -15.50 15.49 7.60
N TYR B 487 -15.04 16.63 8.13
CA TYR B 487 -13.99 17.40 7.47
C TYR B 487 -12.65 16.67 7.37
N THR B 488 -12.31 15.90 8.39
CA THR B 488 -11.01 15.22 8.42
C THR B 488 -11.04 13.76 7.94
N MET B 489 -12.08 13.01 8.32
CA MET B 489 -12.14 11.58 8.02
C MET B 489 -12.25 11.29 6.52
N LEU B 490 -12.82 12.22 5.78
CA LEU B 490 -12.95 12.05 4.36
C LEU B 490 -11.58 11.69 3.76
N TYR B 491 -10.51 12.30 4.26
CA TYR B 491 -9.18 12.16 3.66
C TYR B 491 -8.42 10.97 4.26
N ASN B 492 -8.92 10.43 5.38
CA ASN B 492 -8.46 9.13 5.80
C ASN B 492 -9.05 8.08 4.84
N CYS B 493 -10.31 8.27 4.50
CA CYS B 493 -11.01 7.37 3.62
C CYS B 493 -10.41 7.38 2.23
N LEU B 494 -10.18 8.56 1.69
CA LEU B 494 -9.49 8.72 0.41
C LEU B 494 -8.01 8.41 0.50
N ASP B 495 -7.45 8.49 1.70
CA ASP B 495 -6.00 8.32 1.91
C ASP B 495 -5.19 9.34 1.09
N PHE B 496 -5.52 10.62 1.25
CA PHE B 496 -4.78 11.72 0.64
C PHE B 496 -4.02 12.40 1.78
N PRO B 497 -2.87 12.99 1.46
CA PRO B 497 -2.19 13.81 2.46
C PRO B 497 -3.02 15.04 2.81
N ALA B 498 -3.14 15.33 4.10
CA ALA B 498 -3.94 16.47 4.57
C ALA B 498 -3.27 17.09 5.80
N GLY B 499 -3.05 18.39 5.73
CA GLY B 499 -2.49 19.10 6.88
C GLY B 499 -3.35 20.30 7.25
N VAL B 500 -3.11 20.86 8.44
CA VAL B 500 -3.87 22.00 8.91
C VAL B 500 -2.91 23.11 9.33
N VAL B 501 -3.32 24.35 9.06
CA VAL B 501 -2.56 25.56 9.38
C VAL B 501 -3.48 26.53 10.15
N PRO B 502 -3.03 27.09 11.28
CA PRO B 502 -3.82 28.14 11.95
C PRO B 502 -3.81 29.43 11.12
N VAL B 503 -4.98 30.01 10.90
CA VAL B 503 -5.09 31.21 10.06
C VAL B 503 -5.78 32.38 10.76
N THR B 504 -6.48 32.14 11.87
CA THR B 504 -7.17 33.23 12.54
C THR B 504 -7.56 32.79 13.94
N THR B 505 -8.09 33.71 14.74
CA THR B 505 -8.70 33.37 16.03
C THR B 505 -10.18 33.85 16.05
N VAL B 506 -11.00 33.20 16.88
CA VAL B 506 -12.42 33.47 16.93
C VAL B 506 -12.65 34.87 17.49
N THR B 507 -13.47 35.66 16.81
CA THR B 507 -13.85 36.99 17.29
C THR B 507 -15.18 36.91 18.04
N ALA B 508 -15.46 37.94 18.83
CA ALA B 508 -16.75 38.06 19.51
C ALA B 508 -17.88 37.92 18.47
N GLU B 509 -17.73 38.54 17.30
CA GLU B 509 -18.73 38.49 16.25
C GLU B 509 -18.94 37.08 15.78
N ASP B 510 -17.85 36.34 15.56
CA ASP B 510 -17.95 34.92 15.21
C ASP B 510 -18.71 34.12 16.25
N ASP B 511 -18.45 34.42 17.53
CA ASP B 511 -18.93 33.63 18.64
C ASP B 511 -20.41 33.92 18.87
N ALA B 512 -20.81 35.18 18.71
CA ALA B 512 -22.19 35.58 18.88
C ALA B 512 -23.02 34.88 17.82
N GLN B 513 -22.49 34.77 16.60
CA GLN B 513 -23.20 34.10 15.50
C GLN B 513 -23.48 32.60 15.69
N MET B 514 -22.74 31.94 16.59
CA MET B 514 -23.04 30.55 16.93
C MET B 514 -24.50 30.38 17.38
N GLU B 515 -25.05 31.41 18.01
CA GLU B 515 -26.43 31.33 18.48
C GLU B 515 -27.47 31.11 17.34
N LEU B 516 -27.05 31.39 16.10
CA LEU B 516 -27.85 31.17 14.90
C LEU B 516 -27.49 29.87 14.17
N TYR B 517 -26.51 29.12 14.68
CA TYR B 517 -26.08 27.88 14.07
C TYR B 517 -27.12 26.82 14.37
N LYS B 518 -27.62 26.17 13.32
CA LYS B 518 -28.64 25.13 13.45
C LYS B 518 -28.14 23.71 13.05
N GLY B 519 -27.18 23.63 12.13
CA GLY B 519 -26.73 22.34 11.58
C GLY B 519 -27.62 21.96 10.41
N TYR B 520 -27.16 21.02 9.58
CA TYR B 520 -27.90 20.58 8.40
C TYR B 520 -28.93 19.50 8.74
N PHE B 521 -28.77 18.85 9.88
CA PHE B 521 -29.65 17.73 10.26
C PHE B 521 -30.52 18.00 11.43
N GLY B 522 -30.05 18.81 12.37
CA GLY B 522 -30.80 19.09 13.57
C GLY B 522 -30.83 17.93 14.55
N ASP B 523 -29.99 16.92 14.33
CA ASP B 523 -29.92 15.76 15.24
C ASP B 523 -29.02 16.07 16.43
N ILE B 524 -28.94 15.15 17.38
CA ILE B 524 -28.23 15.39 18.64
C ILE B 524 -26.76 15.83 18.42
N TRP B 525 -26.15 15.37 17.34
CA TRP B 525 -24.79 15.76 17.00
C TRP B 525 -24.69 17.26 16.65
N ASP B 526 -25.67 17.76 15.93
CA ASP B 526 -25.73 19.18 15.60
C ASP B 526 -25.96 20.01 16.87
N ILE B 527 -26.89 19.56 17.71
CA ILE B 527 -27.25 20.24 18.94
C ILE B 527 -26.04 20.36 19.87
N ILE B 528 -25.31 19.26 20.03
CA ILE B 528 -24.14 19.25 20.90
C ILE B 528 -23.02 20.11 20.34
N LEU B 529 -22.82 20.07 19.03
CA LEU B 529 -21.77 20.88 18.40
C LEU B 529 -22.04 22.40 18.58
N LYS B 530 -23.30 22.81 18.41
CA LYS B 530 -23.68 24.18 18.67
C LYS B 530 -23.18 24.58 20.05
N LYS B 531 -23.60 23.84 21.07
CA LYS B 531 -23.28 24.16 22.45
C LYS B 531 -21.80 24.11 22.72
N ALA B 532 -21.13 23.15 22.10
CA ALA B 532 -19.72 22.84 22.41
C ALA B 532 -18.73 23.87 21.91
N MET B 533 -19.09 24.51 20.80
CA MET B 533 -18.25 25.52 20.13
C MET B 533 -18.50 26.93 20.64
N LYS B 534 -19.45 27.09 21.56
CA LYS B 534 -19.70 28.36 22.20
C LYS B 534 -18.58 28.73 23.15
N ASN B 535 -18.58 29.99 23.55
CA ASN B 535 -17.63 30.52 24.49
C ASN B 535 -16.21 30.25 24.03
N SER B 536 -15.88 30.70 22.82
CA SER B 536 -14.58 30.43 22.20
C SER B 536 -13.79 31.65 21.72
N VAL B 537 -14.16 32.86 22.13
CA VAL B 537 -13.44 34.07 21.72
C VAL B 537 -11.96 33.90 22.04
N GLY B 538 -11.10 34.23 21.06
CA GLY B 538 -9.66 34.14 21.23
C GLY B 538 -9.06 32.80 20.88
N LEU B 539 -9.88 31.78 20.61
CA LEU B 539 -9.34 30.48 20.26
C LEU B 539 -8.96 30.40 18.77
N PRO B 540 -7.92 29.62 18.46
CA PRO B 540 -7.43 29.50 17.10
C PRO B 540 -8.32 28.66 16.20
N VAL B 541 -8.27 29.00 14.92
CA VAL B 541 -9.08 28.39 13.88
C VAL B 541 -8.23 28.16 12.63
N ALA B 542 -8.36 26.97 12.05
CA ALA B 542 -7.49 26.53 10.97
C ALA B 542 -8.25 26.33 9.69
N VAL B 543 -7.49 26.18 8.61
CA VAL B 543 -8.00 25.64 7.36
C VAL B 543 -7.25 24.35 7.11
N GLN B 544 -7.72 23.56 6.16
CA GLN B 544 -7.07 22.29 5.84
C GLN B 544 -6.58 22.30 4.41
N CYS B 545 -5.40 21.70 4.19
CA CYS B 545 -4.79 21.61 2.85
C CYS B 545 -4.58 20.18 2.45
N VAL B 546 -5.04 19.85 1.25
CA VAL B 546 -5.02 18.48 0.75
C VAL B 546 -4.31 18.44 -0.60
N ALA B 547 -3.57 17.36 -0.83
CA ALA B 547 -2.98 17.05 -2.11
C ALA B 547 -3.30 15.60 -2.44
N LEU B 548 -2.92 15.13 -3.63
CA LEU B 548 -3.15 13.74 -4.03
C LEU B 548 -2.20 12.78 -3.28
N PRO B 549 -2.48 11.48 -3.33
CA PRO B 549 -1.57 10.58 -2.65
C PRO B 549 -0.14 10.76 -3.08
N TRP B 550 0.76 10.65 -2.10
CA TRP B 550 2.20 10.74 -2.28
C TRP B 550 2.73 12.16 -2.56
N GLN B 551 1.83 13.16 -2.57
CA GLN B 551 2.22 14.54 -2.81
C GLN B 551 2.35 15.35 -1.48
N GLU B 552 3.03 14.78 -0.48
CA GLU B 552 3.24 15.46 0.80
C GLU B 552 4.03 16.79 0.62
N GLU B 553 5.01 16.78 -0.29
CA GLU B 553 5.80 17.98 -0.55
C GLU B 553 4.95 19.12 -1.11
N LEU B 554 4.04 18.80 -2.03
CA LEU B 554 3.15 19.82 -2.65
C LEU B 554 2.17 20.29 -1.59
N CYS B 555 1.72 19.36 -0.76
CA CYS B 555 0.77 19.71 0.28
C CYS B 555 1.41 20.72 1.22
N LEU B 556 2.65 20.41 1.64
CA LEU B 556 3.41 21.32 2.51
C LEU B 556 3.70 22.66 1.79
N ARG B 557 4.00 22.60 0.49
CA ARG B 557 4.23 23.82 -0.27
C ARG B 557 3.01 24.73 -0.19
N PHE B 558 1.84 24.14 -0.26
CA PHE B 558 0.57 24.86 -0.18
C PHE B 558 0.30 25.38 1.24
N MET B 559 0.58 24.54 2.23
CA MET B 559 0.48 24.93 3.65
C MET B 559 1.39 26.12 3.95
N ARG B 560 2.59 26.10 3.41
CA ARG B 560 3.55 27.18 3.58
C ARG B 560 3.01 28.49 3.00
N GLU B 561 2.36 28.39 1.86
CA GLU B 561 1.75 29.55 1.22
C GLU B 561 0.62 30.17 2.06
N VAL B 562 -0.22 29.32 2.64
CA VAL B 562 -1.32 29.77 3.50
C VAL B 562 -0.75 30.40 4.78
N GLU B 563 0.23 29.73 5.38
CA GLU B 563 0.92 30.32 6.51
C GLU B 563 1.47 31.71 6.19
N GLN B 564 1.98 31.83 5.10
CA GLN B 564 2.60 33.11 4.76
C GLN B 564 1.61 34.26 4.55
N LEU B 565 0.48 33.96 3.93
CA LEU B 565 -0.50 34.94 3.56
C LEU B 565 -1.38 35.30 4.73
N MET B 566 -1.63 34.34 5.62
CA MET B 566 -2.58 34.54 6.70
C MET B 566 -1.93 34.90 8.02
N THR B 567 -0.70 34.40 8.26
CA THR B 567 0.10 34.69 9.48
C THR B 567 1.48 35.02 8.98
N PRO B 568 1.61 36.18 8.37
CA PRO B 568 2.90 36.64 7.81
C PRO B 568 4.08 36.62 8.83
N GLN B 569 3.80 36.76 10.11
CA GLN B 569 4.79 36.88 11.15
C GLN B 569 5.56 35.63 11.50
N LYS B 570 5.15 34.50 10.92
CA LYS B 570 5.81 33.23 11.17
C LYS B 570 6.81 32.90 10.06
N GLN B 571 7.24 33.92 9.33
CA GLN B 571 8.19 33.75 8.24
C GLN B 571 8.11 32.33 7.66
#